data_8AUD
#
_entry.id   8AUD
#
_cell.length_a   96.572
_cell.length_b   123.083
_cell.length_c   209.508
_cell.angle_alpha   90.00
_cell.angle_beta   90.00
_cell.angle_gamma   90.00
#
_symmetry.space_group_name_H-M   'P 21 21 21'
#
_entity_poly.entity_id   1
_entity_poly.type   'polypeptide(L)'
_entity_poly.pdbx_seq_one_letter_code
;MIALAVSGALLSSMTPAVAQPQNPDDAAIAQAEENVSAGDGEVARLAGSLSSTDAEINRVELEMGALREEVNKSLVDLHD
AQAIAEQARQDALAAKKDLDDSQAQIEAAQERLDEISRAAYRQNGTSKGLSGISGNGNSEDALDRQTYLRTSAEKQQAAV
EELDRLRTENANKESVLRQARIVAEQREAEAVEKQVQTEAAIAANSEQLNVLTNNRSTLVAQRDGAERNLAIARAQAD
(UNK)(UNK)(UNK)(UNK)(UNK)(UNK)(UNK)(UNK)(UNK)(UNK)(UNK)(UNK)(UNK)(UNK)(UNK)(UNK)
(UNK)(UNK)(UNK)(UNK)(UNK)(UNK)(UNK)(UNK)(UNK)(UNK)(UNK)(UNK)(UNK)(UNK)(UNK)(UNK)
(UNK)(UNK)(UNK)(UNK)(UNK)(UNK)(UNK)(UNK)(UNK)(UNK)(UNK)(UNK)(UNK)(UNK)(UNK)(UNK)
(UNK)(UNK)(UNK)(UNK)(UNK)(UNK)(UNK)(UNK)(UNK)(UNK)(UNK)(UNK)(UNK)(UNK)(UNK)(UNK)
(UNK)(UNK)(UNK)(UNK)(UNK)(UNK)(UNK)(UNK)(UNK)(UNK)(UNK)(UNK)(UNK)(UNK)(UNK)(UNK)
(UNK)(UNK)(UNK)(UNK)(UNK)(UNK)(UNK)(UNK)(UNK)(UNK)(UNK)(UNK)(UNK)(UNK)(UNK)(UNK)
(UNK)(UNK)(UNK)(UNK)(UNK)(UNK)(UNK)(UNK)(UNK)(UNK)(UNK)(UNK)(UNK)(UNK)(UNK)(UNK)
(UNK)(UNK)(UNK)(UNK)(UNK)(UNK)(UNK)(UNK)(UNK)(UNK)(UNK)(UNK)(UNK)(UNK)(UNK)(UNK)
(UNK)(UNK)(UNK)(UNK)(UNK)(UNK)(UNK)(UNK)(UNK)(UNK)(UNK)(UNK)(UNK)(UNK)(UNK)(UNK)
(UNK)(UNK)(UNK)(UNK)(UNK)(UNK)(UNK)(UNK)TAASIAAAALIAASQSSHATTQNPYPTDEDADPTDIADIQ
GPTQPGTGESGDSQSNSSDNDSTGNDSTGSDSSDSDSSGNDSSEVISGDRSAQIETVIARAMSQLGVQYAWGGGNANGPT
LGIRDGGVADSYGDYNKVGFDCSGLTLYAFAGVGISLPHYTGYQYQHGTKVSPSEMQRGDLIFYGPGASQHVAIYLGDGQ
MIEAPNSGSVVKISPVRWSGMTESVVRLI
;
_entity_poly.pdbx_strand_id   A,B
#
# COMPACT_ATOMS: atom_id res chain seq x y z
N LEU A 46 29.60 -21.07 8.29
CA LEU A 46 28.57 -21.86 7.62
C LEU A 46 27.24 -21.85 8.37
N ALA A 47 27.29 -21.98 9.70
CA ALA A 47 26.07 -21.91 10.50
C ALA A 47 25.29 -20.64 10.21
N GLY A 48 26.01 -19.52 10.10
CA GLY A 48 25.37 -18.26 9.78
C GLY A 48 24.75 -18.25 8.39
N SER A 49 25.47 -18.77 7.40
CA SER A 49 24.95 -18.73 6.03
C SER A 49 23.77 -19.67 5.87
N LEU A 50 23.84 -20.88 6.44
CA LEU A 50 22.66 -21.73 6.61
C LEU A 50 21.46 -20.96 7.15
N SER A 51 21.60 -20.36 8.35
CA SER A 51 20.45 -19.70 8.96
C SER A 51 19.99 -18.49 8.17
N SER A 52 20.91 -17.83 7.46
CA SER A 52 20.54 -16.69 6.63
C SER A 52 19.84 -17.11 5.35
N THR A 53 20.25 -18.22 4.73
CA THR A 53 19.48 -18.71 3.60
C THR A 53 18.12 -19.26 4.03
N ASP A 54 17.94 -19.69 5.28
CA ASP A 54 16.59 -20.01 5.73
C ASP A 54 15.75 -18.76 5.99
N ALA A 55 16.39 -17.69 6.48
CA ALA A 55 15.73 -16.40 6.57
C ALA A 55 15.30 -15.88 5.19
N GLU A 56 16.19 -16.01 4.20
CA GLU A 56 15.88 -15.61 2.84
C GLU A 56 14.80 -16.49 2.24
N ILE A 57 14.87 -17.79 2.52
CA ILE A 57 13.81 -18.73 2.14
C ILE A 57 12.46 -18.23 2.64
N ASN A 58 12.41 -17.78 3.89
CA ASN A 58 11.11 -17.36 4.42
C ASN A 58 10.68 -16.01 3.88
N ARG A 59 11.63 -15.10 3.60
CA ARG A 59 11.29 -13.90 2.84
C ARG A 59 10.62 -14.22 1.52
N VAL A 60 11.28 -15.05 0.70
CA VAL A 60 10.77 -15.33 -0.63
C VAL A 60 9.45 -16.09 -0.53
N GLU A 61 9.31 -16.90 0.50
CA GLU A 61 8.07 -17.65 0.69
C GLU A 61 6.92 -16.70 1.05
N LEU A 62 7.19 -15.71 1.91
CA LEU A 62 6.16 -14.72 2.24
C LEU A 62 5.82 -13.83 1.04
N GLU A 63 6.80 -13.52 0.20
CA GLU A 63 6.49 -12.70 -0.99
C GLU A 63 5.57 -13.46 -1.92
N MET A 64 5.92 -14.73 -2.18
CA MET A 64 5.04 -15.62 -2.93
C MET A 64 3.65 -15.67 -2.30
N GLY A 65 3.59 -15.79 -0.97
CA GLY A 65 2.30 -15.78 -0.29
C GLY A 65 1.52 -14.50 -0.54
N ALA A 66 2.21 -13.36 -0.46
CA ALA A 66 1.58 -12.06 -0.66
C ALA A 66 0.95 -11.94 -2.03
N LEU A 67 1.65 -12.41 -3.07
CA LEU A 67 1.10 -12.32 -4.41
C LEU A 67 -0.11 -13.24 -4.56
N ARG A 68 0.01 -14.48 -4.07
CA ARG A 68 -1.10 -15.42 -4.18
C ARG A 68 -2.34 -14.85 -3.52
N GLU A 69 -2.18 -14.33 -2.30
CA GLU A 69 -3.31 -13.77 -1.59
C GLU A 69 -3.84 -12.49 -2.23
N GLU A 70 -2.95 -11.67 -2.81
CA GLU A 70 -3.39 -10.50 -3.57
C GLU A 70 -4.40 -10.91 -4.64
N VAL A 71 -4.05 -11.93 -5.41
CA VAL A 71 -5.00 -12.43 -6.42
C VAL A 71 -6.27 -12.94 -5.75
N ASN A 72 -6.13 -13.69 -4.65
CA ASN A 72 -7.32 -14.17 -3.94
C ASN A 72 -8.26 -13.03 -3.57
N LYS A 73 -7.69 -11.91 -3.10
CA LYS A 73 -8.47 -10.74 -2.72
C LYS A 73 -9.24 -10.23 -3.92
N SER A 74 -8.56 -9.99 -5.03
CA SER A 74 -9.31 -9.35 -6.08
C SER A 74 -10.23 -10.33 -6.81
N LEU A 75 -10.01 -11.64 -6.63
CA LEU A 75 -11.02 -12.65 -6.94
C LEU A 75 -12.29 -12.48 -6.11
N VAL A 76 -12.12 -12.27 -4.80
CA VAL A 76 -13.29 -12.02 -3.95
C VAL A 76 -14.03 -10.79 -4.45
N ASP A 77 -13.28 -9.71 -4.70
CA ASP A 77 -13.90 -8.47 -5.17
C ASP A 77 -14.68 -8.74 -6.45
N LEU A 78 -14.10 -9.51 -7.37
CA LEU A 78 -14.77 -9.81 -8.63
C LEU A 78 -16.10 -10.53 -8.41
N HIS A 79 -16.09 -11.62 -7.64
CA HIS A 79 -17.34 -12.37 -7.45
C HIS A 79 -18.38 -11.54 -6.72
N ASP A 80 -17.95 -10.59 -5.88
CA ASP A 80 -18.93 -9.75 -5.20
C ASP A 80 -19.47 -8.67 -6.13
N ALA A 81 -18.63 -8.11 -6.99
CA ALA A 81 -19.11 -7.21 -8.04
C ALA A 81 -20.06 -7.94 -8.99
N GLN A 82 -19.78 -9.21 -9.29
CA GLN A 82 -20.67 -10.02 -10.11
C GLN A 82 -22.05 -10.15 -9.47
N ALA A 83 -22.08 -10.38 -8.16
CA ALA A 83 -23.36 -10.47 -7.44
C ALA A 83 -24.07 -9.11 -7.45
N ILE A 84 -23.30 -8.03 -7.32
CA ILE A 84 -23.85 -6.68 -7.41
C ILE A 84 -24.53 -6.46 -8.77
N ALA A 85 -23.83 -6.83 -9.85
CA ALA A 85 -24.37 -6.66 -11.19
C ALA A 85 -25.64 -7.46 -11.37
N GLU A 86 -25.61 -8.75 -10.98
CA GLU A 86 -26.80 -9.58 -11.13
C GLU A 86 -27.98 -9.06 -10.30
N GLN A 87 -27.73 -8.41 -9.15
CA GLN A 87 -28.84 -7.87 -8.37
C GLN A 87 -29.45 -6.65 -9.04
N ALA A 88 -28.61 -5.79 -9.61
CA ALA A 88 -29.10 -4.66 -10.37
C ALA A 88 -30.02 -4.89 -11.56
N ARG A 89 -29.70 -5.91 -12.36
CA ARG A 89 -30.61 -6.33 -13.44
C ARG A 89 -31.89 -7.16 -13.10
N GLN A 90 -31.80 -7.85 -11.95
CA GLN A 90 -32.99 -8.53 -11.45
C GLN A 90 -33.90 -7.39 -11.02
N ASP A 91 -33.33 -6.28 -10.54
CA ASP A 91 -34.13 -5.08 -10.30
C ASP A 91 -34.66 -4.50 -11.61
N ALA A 92 -33.79 -4.38 -12.61
CA ALA A 92 -34.23 -3.91 -13.93
C ALA A 92 -35.35 -4.79 -14.49
N LEU A 93 -35.21 -6.12 -14.39
CA LEU A 93 -36.27 -6.99 -14.86
C LEU A 93 -37.59 -6.72 -14.12
N ALA A 94 -37.54 -6.56 -12.79
CA ALA A 94 -38.75 -6.23 -12.04
C ALA A 94 -39.40 -4.96 -12.58
N ALA A 95 -38.55 -4.00 -12.97
CA ALA A 95 -39.03 -2.74 -13.52
C ALA A 95 -39.77 -2.97 -14.83
N LYS A 96 -39.18 -3.75 -15.73
CA LYS A 96 -39.86 -4.03 -16.99
C LYS A 96 -41.17 -4.78 -16.75
N LYS A 97 -41.19 -5.64 -15.74
CA LYS A 97 -42.40 -6.39 -15.39
C LYS A 97 -43.56 -5.46 -15.02
N ASP A 98 -43.32 -4.53 -14.08
CA ASP A 98 -44.44 -3.68 -13.70
C ASP A 98 -44.76 -2.66 -14.80
N LEU A 99 -43.78 -2.29 -15.62
CA LEU A 99 -44.08 -1.41 -16.74
C LEU A 99 -45.05 -2.07 -17.70
N ASP A 100 -44.83 -3.36 -17.98
CA ASP A 100 -45.76 -4.10 -18.84
C ASP A 100 -47.14 -4.25 -18.21
N ASP A 101 -47.22 -4.50 -16.90
CA ASP A 101 -48.56 -4.54 -16.31
C ASP A 101 -49.29 -3.20 -16.43
N SER A 102 -48.59 -2.08 -16.17
CA SER A 102 -49.21 -0.77 -16.32
C SER A 102 -49.60 -0.49 -17.77
N GLN A 103 -48.74 -0.92 -18.69
CA GLN A 103 -48.98 -0.86 -20.13
C GLN A 103 -50.33 -1.48 -20.47
N ALA A 104 -50.48 -2.77 -20.18
CA ALA A 104 -51.69 -3.44 -20.61
C ALA A 104 -52.90 -3.01 -19.80
N GLN A 105 -52.67 -2.42 -18.62
CA GLN A 105 -53.75 -1.79 -17.87
C GLN A 105 -54.28 -0.58 -18.65
N ILE A 106 -53.38 0.30 -19.09
CA ILE A 106 -53.77 1.46 -19.89
C ILE A 106 -54.48 1.02 -21.16
N GLU A 107 -54.00 -0.06 -21.78
CA GLU A 107 -54.65 -0.48 -23.02
C GLU A 107 -56.04 -1.03 -22.76
N ALA A 108 -56.25 -1.69 -21.62
CA ALA A 108 -57.59 -2.15 -21.28
C ALA A 108 -58.52 -0.96 -21.02
N ALA A 109 -58.02 0.08 -20.36
CA ALA A 109 -58.84 1.28 -20.14
C ALA A 109 -59.13 2.01 -21.44
N GLN A 110 -58.14 2.10 -22.33
CA GLN A 110 -58.35 2.70 -23.66
C GLN A 110 -59.43 1.94 -24.41
N GLU A 111 -59.39 0.61 -24.33
CA GLU A 111 -60.39 -0.23 -24.99
C GLU A 111 -61.75 -0.06 -24.32
N ARG A 112 -61.76 0.29 -23.04
CA ARG A 112 -63.02 0.65 -22.40
C ARG A 112 -63.57 1.93 -22.98
N LEU A 113 -62.69 2.92 -23.22
CA LEU A 113 -63.11 4.15 -23.91
C LEU A 113 -63.67 3.84 -25.28
N ASP A 114 -63.02 2.93 -25.99
CA ASP A 114 -63.48 2.43 -27.28
C ASP A 114 -64.92 1.91 -27.23
N ARG A 145 -84.54 10.75 -23.69
CA ARG A 145 -83.32 10.78 -24.48
C ARG A 145 -82.17 11.44 -23.74
N GLN A 146 -82.47 12.63 -23.22
CA GLN A 146 -81.46 13.44 -22.54
C GLN A 146 -80.93 12.74 -21.29
N THR A 147 -81.81 12.05 -20.56
CA THR A 147 -81.38 11.23 -19.42
C THR A 147 -80.42 10.11 -19.81
N TYR A 148 -80.67 9.44 -20.94
CA TYR A 148 -79.77 8.36 -21.33
C TYR A 148 -78.40 8.91 -21.71
N LEU A 149 -78.40 10.08 -22.36
CA LEU A 149 -77.15 10.78 -22.64
C LEU A 149 -76.43 11.16 -21.35
N ARG A 150 -77.18 11.60 -20.34
CA ARG A 150 -76.57 11.94 -19.05
C ARG A 150 -75.81 10.74 -18.49
N THR A 151 -76.47 9.60 -18.40
CA THR A 151 -75.82 8.46 -17.75
C THR A 151 -74.69 7.89 -18.60
N SER A 152 -74.75 8.05 -19.93
CA SER A 152 -73.61 7.61 -20.74
C SER A 152 -72.42 8.57 -20.63
N ALA A 153 -72.67 9.86 -20.40
CA ALA A 153 -71.58 10.78 -20.10
C ALA A 153 -70.86 10.39 -18.81
N GLU A 154 -71.62 10.01 -17.78
CA GLU A 154 -70.99 9.56 -16.54
C GLU A 154 -70.19 8.28 -16.73
N LYS A 155 -70.69 7.37 -17.55
CA LYS A 155 -69.90 6.17 -17.85
C LYS A 155 -68.58 6.57 -18.49
N GLN A 156 -68.63 7.53 -19.41
CA GLN A 156 -67.42 8.03 -20.06
C GLN A 156 -66.47 8.66 -19.05
N GLN A 157 -67.01 9.36 -18.04
CA GLN A 157 -66.12 9.94 -17.04
C GLN A 157 -65.43 8.87 -16.21
N ALA A 158 -66.15 7.80 -15.87
CA ALA A 158 -65.50 6.69 -15.17
C ALA A 158 -64.32 6.12 -15.98
N ALA A 159 -64.55 5.90 -17.28
CA ALA A 159 -63.49 5.37 -18.13
C ALA A 159 -62.31 6.32 -18.22
N VAL A 160 -62.61 7.63 -18.34
CA VAL A 160 -61.57 8.64 -18.46
C VAL A 160 -60.70 8.70 -17.22
N GLU A 161 -61.33 8.67 -16.02
CA GLU A 161 -60.54 8.74 -14.81
C GLU A 161 -59.69 7.49 -14.62
N GLU A 162 -60.20 6.32 -15.02
CA GLU A 162 -59.34 5.14 -14.98
C GLU A 162 -58.12 5.31 -15.89
N LEU A 163 -58.31 5.84 -17.09
CA LEU A 163 -57.15 6.06 -17.95
C LEU A 163 -56.17 7.08 -17.38
N ASP A 164 -56.66 8.16 -16.79
CA ASP A 164 -55.78 9.11 -16.12
C ASP A 164 -54.92 8.45 -15.04
N ARG A 165 -55.56 7.65 -14.18
CA ARG A 165 -54.82 6.89 -13.17
C ARG A 165 -53.70 6.09 -13.83
N LEU A 166 -54.09 5.16 -14.72
CA LEU A 166 -53.12 4.28 -15.35
C LEU A 166 -52.03 5.05 -16.08
N ARG A 167 -52.36 6.23 -16.60
CA ARG A 167 -51.40 7.10 -17.28
C ARG A 167 -50.27 7.49 -16.34
N THR A 168 -50.63 8.11 -15.20
CA THR A 168 -49.57 8.55 -14.30
C THR A 168 -48.86 7.35 -13.68
N GLU A 169 -49.56 6.23 -13.55
CA GLU A 169 -48.90 4.99 -13.11
C GLU A 169 -47.81 4.58 -14.09
N ASN A 170 -48.12 4.66 -15.39
CA ASN A 170 -47.15 4.30 -16.42
C ASN A 170 -45.96 5.26 -16.44
N ALA A 171 -46.21 6.54 -16.19
CA ALA A 171 -45.07 7.45 -16.09
C ALA A 171 -44.16 7.12 -14.92
N ASN A 172 -44.75 6.80 -13.76
CA ASN A 172 -43.93 6.37 -12.63
C ASN A 172 -43.13 5.11 -12.94
N LYS A 173 -43.79 4.12 -13.54
CA LYS A 173 -43.10 2.89 -13.91
C LYS A 173 -42.04 3.12 -14.98
N GLU A 174 -42.27 4.04 -15.91
CA GLU A 174 -41.27 4.35 -16.93
C GLU A 174 -40.03 4.95 -16.30
N SER A 175 -40.20 5.82 -15.30
CA SER A 175 -39.03 6.34 -14.60
C SER A 175 -38.31 5.24 -13.81
N VAL A 176 -39.10 4.34 -13.20
CA VAL A 176 -38.50 3.22 -12.47
C VAL A 176 -37.63 2.39 -13.40
N LEU A 177 -38.13 2.08 -14.60
CA LEU A 177 -37.33 1.38 -15.60
C LEU A 177 -36.11 2.17 -16.03
N ARG A 178 -36.25 3.47 -16.30
CA ARG A 178 -35.10 4.27 -16.69
C ARG A 178 -33.96 4.16 -15.69
N GLN A 179 -34.29 4.31 -14.40
CA GLN A 179 -33.24 4.30 -13.40
C GLN A 179 -32.73 2.90 -13.08
N ALA A 180 -33.60 1.88 -13.07
CA ALA A 180 -33.13 0.52 -12.87
C ALA A 180 -32.22 0.08 -14.00
N ARG A 181 -32.55 0.45 -15.24
CA ARG A 181 -31.69 0.11 -16.36
C ARG A 181 -30.35 0.84 -16.30
N ILE A 182 -30.33 2.13 -15.93
CA ILE A 182 -29.01 2.78 -15.89
C ILE A 182 -28.15 2.21 -14.76
N VAL A 183 -28.76 1.87 -13.61
CA VAL A 183 -27.96 1.32 -12.52
C VAL A 183 -27.42 -0.07 -12.88
N ALA A 184 -28.25 -0.90 -13.53
CA ALA A 184 -27.77 -2.20 -13.96
C ALA A 184 -26.70 -2.08 -15.04
N GLU A 185 -26.85 -1.14 -15.96
CA GLU A 185 -25.83 -0.90 -16.97
C GLU A 185 -24.49 -0.59 -16.30
N GLN A 186 -24.51 0.34 -15.34
CA GLN A 186 -23.30 0.76 -14.68
C GLN A 186 -22.64 -0.40 -13.93
N ARG A 187 -23.40 -1.09 -13.09
CA ARG A 187 -22.73 -2.06 -12.22
C ARG A 187 -22.48 -3.42 -12.89
N GLU A 188 -23.18 -3.75 -13.98
CA GLU A 188 -22.72 -4.81 -14.87
C GLU A 188 -21.38 -4.48 -15.49
N ALA A 189 -21.24 -3.25 -16.01
CA ALA A 189 -19.95 -2.85 -16.57
C ALA A 189 -18.86 -2.91 -15.50
N GLU A 190 -19.19 -2.48 -14.28
CA GLU A 190 -18.24 -2.52 -13.18
C GLU A 190 -17.73 -3.93 -12.92
N ALA A 191 -18.63 -4.92 -12.98
CA ALA A 191 -18.20 -6.29 -12.75
C ALA A 191 -17.35 -6.80 -13.93
N VAL A 192 -17.71 -6.42 -15.16
CA VAL A 192 -16.89 -6.76 -16.33
C VAL A 192 -15.47 -6.23 -16.15
N GLU A 193 -15.35 -4.95 -15.77
CA GLU A 193 -14.04 -4.35 -15.57
C GLU A 193 -13.24 -5.15 -14.56
N LYS A 194 -13.79 -5.37 -13.37
CA LYS A 194 -12.97 -6.05 -12.36
C LYS A 194 -12.64 -7.47 -12.77
N GLN A 195 -13.48 -8.10 -13.61
CA GLN A 195 -13.17 -9.43 -14.11
C GLN A 195 -11.90 -9.41 -14.96
N VAL A 196 -11.85 -8.54 -15.96
CA VAL A 196 -10.64 -8.52 -16.79
C VAL A 196 -9.46 -8.07 -15.93
N GLN A 197 -9.72 -7.15 -15.00
CA GLN A 197 -8.70 -6.67 -14.07
C GLN A 197 -8.02 -7.82 -13.35
N THR A 198 -8.80 -8.72 -12.76
CA THR A 198 -8.16 -9.77 -11.97
C THR A 198 -7.59 -10.87 -12.86
N GLU A 199 -8.10 -11.09 -14.08
CA GLU A 199 -7.38 -12.01 -14.95
C GLU A 199 -5.97 -11.50 -15.25
N ALA A 200 -5.83 -10.19 -15.49
CA ALA A 200 -4.50 -9.65 -15.79
C ALA A 200 -3.63 -9.65 -14.54
N ALA A 201 -4.23 -9.34 -13.38
CA ALA A 201 -3.52 -9.44 -12.12
C ALA A 201 -3.02 -10.86 -11.89
N ILE A 202 -3.85 -11.85 -12.25
CA ILE A 202 -3.44 -13.26 -12.24
C ILE A 202 -2.19 -13.46 -13.10
N ALA A 203 -2.20 -12.92 -14.32
CA ALA A 203 -1.04 -13.09 -15.19
C ALA A 203 0.22 -12.57 -14.50
N ALA A 204 0.15 -11.33 -13.97
CA ALA A 204 1.32 -10.71 -13.36
C ALA A 204 1.80 -11.51 -12.16
N ASN A 205 0.87 -11.95 -11.32
CA ASN A 205 1.25 -12.65 -10.11
C ASN A 205 1.74 -14.05 -10.42
N SER A 206 1.23 -14.67 -11.49
CA SER A 206 1.76 -15.95 -11.92
C SER A 206 3.23 -15.81 -12.31
N GLU A 207 3.57 -14.74 -13.03
CA GLU A 207 4.98 -14.58 -13.41
C GLU A 207 5.86 -14.36 -12.19
N GLN A 208 5.45 -13.42 -11.33
CA GLN A 208 6.24 -13.15 -10.13
C GLN A 208 6.33 -14.38 -9.22
N LEU A 209 5.24 -15.15 -9.10
CA LEU A 209 5.28 -16.37 -8.31
C LEU A 209 6.24 -17.40 -8.89
N ASN A 210 6.24 -17.58 -10.21
CA ASN A 210 7.14 -18.57 -10.79
C ASN A 210 8.59 -18.18 -10.56
N VAL A 211 8.89 -16.88 -10.68
CA VAL A 211 10.20 -16.38 -10.28
C VAL A 211 10.51 -16.69 -8.81
N LEU A 212 9.57 -16.35 -7.93
CA LEU A 212 9.82 -16.54 -6.50
C LEU A 212 10.09 -18.00 -6.18
N THR A 213 9.33 -18.92 -6.77
CA THR A 213 9.51 -20.33 -6.44
C THR A 213 10.76 -20.93 -7.08
N ASN A 214 11.20 -20.42 -8.25
CA ASN A 214 12.50 -20.84 -8.76
C ASN A 214 13.62 -20.39 -7.83
N ASN A 215 13.56 -19.13 -7.37
CA ASN A 215 14.57 -18.65 -6.42
C ASN A 215 14.54 -19.49 -5.16
N ARG A 216 13.33 -19.80 -4.67
CA ARG A 216 13.19 -20.57 -3.44
C ARG A 216 13.80 -21.95 -3.61
N SER A 217 13.58 -22.59 -4.77
CA SER A 217 14.12 -23.93 -4.97
C SER A 217 15.64 -23.92 -5.05
N THR A 218 16.23 -22.91 -5.69
CA THR A 218 17.69 -22.81 -5.65
C THR A 218 18.19 -22.53 -4.23
N LEU A 219 17.44 -21.72 -3.46
CA LEU A 219 17.78 -21.46 -2.07
C LEU A 219 17.73 -22.73 -1.23
N VAL A 220 16.71 -23.56 -1.41
CA VAL A 220 16.64 -24.79 -0.62
C VAL A 220 17.72 -25.76 -1.06
N ALA A 221 18.10 -25.72 -2.34
CA ALA A 221 19.26 -26.49 -2.77
C ALA A 221 20.48 -26.07 -1.96
N GLN A 222 20.77 -24.76 -1.97
CA GLN A 222 21.84 -24.19 -1.17
C GLN A 222 21.76 -24.66 0.28
N ARG A 223 20.56 -24.66 0.85
CA ARG A 223 20.41 -24.94 2.28
C ARG A 223 20.74 -26.39 2.60
N ASP A 224 20.26 -27.33 1.76
CA ASP A 224 20.57 -28.73 1.98
C ASP A 224 22.05 -28.99 1.78
N GLY A 225 22.64 -28.33 0.77
CA GLY A 225 24.07 -28.47 0.56
C GLY A 225 24.87 -27.96 1.75
N ALA A 226 24.49 -26.79 2.25
CA ALA A 226 25.21 -26.21 3.39
C ALA A 226 25.08 -27.10 4.61
N GLU A 227 23.90 -27.71 4.83
CA GLU A 227 23.80 -28.66 5.93
C GLU A 227 24.72 -29.85 5.73
N ARG A 228 24.78 -30.39 4.51
CA ARG A 228 25.71 -31.50 4.24
C ARG A 228 27.16 -31.12 4.53
N ASN A 229 27.55 -29.91 4.12
CA ASN A 229 28.91 -29.44 4.39
C ASN A 229 29.16 -29.27 5.88
N LEU A 230 28.20 -28.70 6.60
CA LEU A 230 28.34 -28.60 8.06
C LEU A 230 28.51 -29.97 8.71
N ALA A 231 27.77 -30.97 8.23
CA ALA A 231 27.95 -32.31 8.78
C ALA A 231 29.38 -32.81 8.55
N ILE A 232 29.91 -32.50 7.35
CA ILE A 232 31.30 -32.83 7.04
C ILE A 232 32.25 -32.13 8.02
N ALA A 233 31.97 -30.86 8.31
CA ALA A 233 32.81 -30.06 9.21
C ALA A 233 32.82 -30.65 10.62
N ARG A 234 31.64 -30.96 11.15
CA ARG A 234 31.57 -31.54 12.50
C ARG A 234 32.35 -32.83 12.57
N ALA A 235 32.24 -33.65 11.52
CA ALA A 235 32.99 -34.90 11.48
C ALA A 235 34.48 -34.61 11.48
N GLN A 236 34.90 -33.65 10.65
CA GLN A 236 36.31 -33.29 10.50
C GLN A 236 36.89 -32.76 11.81
N ALA A 237 36.11 -31.99 12.57
CA ALA A 237 36.59 -31.45 13.83
C ALA A 237 36.96 -32.54 14.82
N ASP A 238 36.09 -33.53 15.02
CA ASP A 238 36.34 -34.52 16.08
C ASP A 238 37.16 -35.68 15.53
N UNK A 344 -12.21 -38.85 -21.28
CA UNK A 344 -12.34 -38.06 -20.06
C UNK A 344 -12.32 -38.95 -18.82
N UNK A 345 -11.21 -39.67 -18.63
CA UNK A 345 -10.99 -40.48 -17.41
C UNK A 345 -10.64 -39.62 -16.20
N UNK A 346 -10.42 -38.31 -16.41
CA UNK A 346 -10.35 -37.38 -15.30
C UNK A 346 -11.64 -37.42 -14.49
N UNK A 347 -12.73 -37.91 -15.08
CA UNK A 347 -13.97 -38.15 -14.32
C UNK A 347 -13.75 -39.21 -13.25
N UNK A 348 -13.12 -40.34 -13.61
CA UNK A 348 -12.80 -41.35 -12.61
C UNK A 348 -11.83 -40.80 -11.58
N UNK A 349 -10.86 -40.00 -12.03
CA UNK A 349 -9.95 -39.34 -11.09
C UNK A 349 -10.72 -38.50 -10.07
N UNK A 350 -11.70 -37.73 -10.55
CA UNK A 350 -12.48 -36.87 -9.68
C UNK A 350 -13.37 -37.67 -8.73
N UNK A 351 -13.93 -38.78 -9.22
CA UNK A 351 -14.73 -39.63 -8.33
C UNK A 351 -13.87 -40.20 -7.21
N UNK A 352 -12.65 -40.61 -7.53
CA UNK A 352 -11.72 -41.08 -6.52
C UNK A 352 -11.44 -39.98 -5.48
N UNK A 353 -11.14 -38.76 -5.95
CA UNK A 353 -10.87 -37.67 -5.01
C UNK A 353 -12.10 -37.37 -4.14
N UNK A 354 -13.30 -37.53 -4.70
CA UNK A 354 -14.51 -37.31 -3.93
C UNK A 354 -14.61 -38.31 -2.79
N UNK A 355 -14.47 -39.60 -3.10
CA UNK A 355 -14.42 -40.61 -2.04
C UNK A 355 -13.39 -40.23 -0.98
N UNK A 356 -12.19 -39.81 -1.42
CA UNK A 356 -11.12 -39.42 -0.54
C UNK A 356 -11.59 -38.40 0.49
N UNK A 357 -11.90 -37.19 0.03
CA UNK A 357 -12.26 -36.12 0.96
C UNK A 357 -13.52 -36.45 1.76
N UNK A 358 -14.48 -37.15 1.14
CA UNK A 358 -15.73 -37.45 1.83
C UNK A 358 -15.49 -38.31 3.05
N UNK A 359 -14.66 -39.35 2.93
CA UNK A 359 -14.43 -40.18 4.10
C UNK A 359 -13.32 -39.65 5.00
N UNK A 360 -12.46 -38.76 4.50
CA UNK A 360 -11.54 -38.07 5.39
C UNK A 360 -12.28 -37.09 6.29
N UNK A 361 -13.44 -36.60 5.86
CA UNK A 361 -14.29 -35.78 6.71
C UNK A 361 -15.12 -36.60 7.71
N UNK A 362 -14.71 -37.83 8.02
CA UNK A 362 -15.39 -38.64 9.02
C UNK A 362 -14.63 -38.63 10.34
N THR A 391 -19.87 -34.23 14.27
CA THR A 391 -19.13 -34.04 13.03
C THR A 391 -20.07 -33.81 11.85
N ALA A 392 -21.07 -34.69 11.71
CA ALA A 392 -22.02 -34.54 10.63
C ALA A 392 -22.76 -33.21 10.69
N ALA A 393 -23.02 -32.72 11.90
CA ALA A 393 -23.61 -31.38 12.05
C ALA A 393 -22.67 -30.32 11.51
N SER A 394 -21.39 -30.39 11.90
CA SER A 394 -20.43 -29.39 11.46
C SER A 394 -20.28 -29.39 9.94
N ILE A 395 -20.21 -30.57 9.31
CA ILE A 395 -20.07 -30.56 7.87
C ILE A 395 -21.33 -30.04 7.19
N ALA A 396 -22.52 -30.39 7.69
CA ALA A 396 -23.72 -29.82 7.07
C ALA A 396 -23.83 -28.30 7.28
N ALA A 397 -23.31 -27.78 8.39
CA ALA A 397 -23.26 -26.32 8.56
C ALA A 397 -22.31 -25.68 7.57
N ALA A 398 -21.13 -26.28 7.42
CA ALA A 398 -20.17 -25.78 6.44
C ALA A 398 -20.74 -25.85 5.04
N ALA A 399 -21.47 -26.91 4.73
CA ALA A 399 -22.05 -27.07 3.41
C ALA A 399 -23.11 -26.01 3.15
N LEU A 400 -23.97 -25.74 4.14
CA LEU A 400 -24.91 -24.62 4.00
C LEU A 400 -24.14 -23.36 3.61
N ILE A 401 -23.06 -23.08 4.34
CA ILE A 401 -22.28 -21.87 4.04
C ILE A 401 -21.74 -21.93 2.62
N ALA A 402 -21.25 -23.10 2.21
CA ALA A 402 -20.66 -23.26 0.88
C ALA A 402 -21.68 -22.92 -0.18
N ALA A 403 -22.90 -23.43 -0.03
CA ALA A 403 -23.98 -23.09 -0.94
C ALA A 403 -24.44 -21.64 -0.78
N SER A 404 -23.96 -20.92 0.24
CA SER A 404 -24.33 -19.51 0.34
C SER A 404 -23.41 -18.57 -0.43
N GLN A 405 -22.20 -18.99 -0.85
CA GLN A 405 -21.27 -18.07 -1.50
C GLN A 405 -20.70 -18.66 -2.79
N SER A 406 -20.32 -17.75 -3.69
CA SER A 406 -19.83 -18.12 -5.01
C SER A 406 -18.49 -18.84 -4.92
N SER A 407 -18.21 -19.64 -5.96
CA SER A 407 -16.91 -20.26 -6.14
C SER A 407 -15.79 -19.24 -6.27
N HIS A 408 -14.85 -19.26 -5.31
CA HIS A 408 -13.72 -18.34 -5.23
C HIS A 408 -12.48 -18.90 -5.91
N ALA A 409 -12.66 -19.74 -6.93
CA ALA A 409 -11.55 -20.30 -7.70
C ALA A 409 -11.55 -19.91 -9.17
N THR A 410 -12.67 -19.52 -9.74
CA THR A 410 -12.74 -19.17 -11.16
C THR A 410 -12.87 -17.66 -11.26
N THR A 411 -13.05 -17.16 -12.48
CA THR A 411 -13.52 -15.78 -12.65
C THR A 411 -14.83 -15.67 -13.41
N GLN A 412 -15.07 -16.57 -14.37
CA GLN A 412 -16.22 -16.47 -15.27
C GLN A 412 -17.53 -16.27 -14.49
N ASN A 413 -18.24 -15.23 -14.86
CA ASN A 413 -19.41 -14.78 -14.10
C ASN A 413 -20.51 -15.83 -14.17
N PRO A 414 -20.90 -16.45 -13.06
CA PRO A 414 -21.91 -17.51 -13.14
C PRO A 414 -23.32 -16.95 -13.18
N TYR A 415 -23.45 -15.67 -13.52
CA TYR A 415 -24.76 -15.07 -13.55
C TYR A 415 -25.20 -14.79 -14.99
N PRO A 416 -26.48 -14.57 -15.21
CA PRO A 416 -26.93 -14.22 -16.56
C PRO A 416 -26.42 -12.86 -16.99
N THR A 417 -26.24 -12.72 -18.31
CA THR A 417 -25.80 -11.49 -18.98
C THR A 417 -26.97 -10.72 -19.57
N ASP A 418 -27.86 -11.42 -20.26
CA ASP A 418 -29.10 -10.84 -20.76
C ASP A 418 -30.12 -10.75 -19.64
N GLU A 419 -30.93 -9.69 -19.66
CA GLU A 419 -31.91 -9.40 -18.61
C GLU A 419 -33.11 -10.35 -18.56
N ASP A 420 -32.81 -11.63 -18.39
CA ASP A 420 -33.71 -12.75 -18.68
C ASP A 420 -33.39 -13.80 -17.63
N ALA A 421 -34.42 -14.49 -17.16
CA ALA A 421 -34.36 -15.53 -16.13
C ALA A 421 -34.25 -14.88 -14.74
N ASP A 422 -34.06 -15.69 -13.68
CA ASP A 422 -33.71 -15.17 -12.36
C ASP A 422 -33.16 -16.24 -11.42
N PRO A 423 -31.84 -16.36 -11.22
CA PRO A 423 -31.32 -17.46 -10.41
C PRO A 423 -31.37 -17.08 -8.93
N THR A 424 -30.85 -17.99 -8.10
CA THR A 424 -30.35 -17.58 -6.79
C THR A 424 -29.09 -16.75 -6.97
N ASP A 425 -28.78 -15.95 -5.94
CA ASP A 425 -27.68 -15.00 -5.99
C ASP A 425 -26.98 -15.05 -4.65
N ILE A 426 -25.66 -15.09 -4.68
CA ILE A 426 -24.84 -15.47 -3.54
C ILE A 426 -24.57 -14.28 -2.64
N ALA A 427 -24.33 -14.57 -1.37
CA ALA A 427 -24.09 -13.59 -0.32
C ALA A 427 -22.79 -12.84 -0.54
N ASP A 428 -22.58 -11.81 0.26
CA ASP A 428 -21.58 -10.77 0.03
C ASP A 428 -20.60 -10.79 1.19
N ILE A 429 -19.31 -10.89 0.89
CA ILE A 429 -18.35 -11.46 1.82
C ILE A 429 -17.23 -10.49 2.17
N GLN A 430 -17.23 -9.28 1.62
CA GLN A 430 -16.10 -8.39 1.76
C GLN A 430 -16.46 -7.32 2.80
N GLY A 431 -15.58 -6.35 2.99
CA GLY A 431 -15.89 -5.20 3.82
C GLY A 431 -17.12 -4.42 3.37
N ASP A 479 -20.83 -24.74 23.83
CA ASP A 479 -20.02 -23.62 24.30
C ASP A 479 -18.80 -23.41 23.41
N ARG A 480 -17.96 -22.45 23.80
CA ARG A 480 -16.75 -22.12 23.04
C ARG A 480 -15.84 -23.33 22.84
N SER A 481 -15.65 -24.14 23.88
CA SER A 481 -14.76 -25.30 23.77
C SER A 481 -15.23 -26.27 22.69
N ALA A 482 -16.53 -26.56 22.66
CA ALA A 482 -17.06 -27.45 21.63
C ALA A 482 -16.84 -26.86 20.23
N GLN A 483 -17.02 -25.54 20.12
CA GLN A 483 -16.83 -24.87 18.84
C GLN A 483 -15.40 -25.02 18.33
N ILE A 484 -14.43 -24.74 19.21
CA ILE A 484 -13.02 -24.87 18.84
C ILE A 484 -12.66 -26.28 18.39
N GLU A 485 -13.08 -27.29 19.15
CA GLU A 485 -12.72 -28.65 18.75
C GLU A 485 -13.33 -29.07 17.43
N THR A 486 -14.56 -28.64 17.13
CA THR A 486 -15.12 -28.98 15.84
C THR A 486 -14.31 -28.35 14.70
N VAL A 487 -13.98 -27.07 14.84
CA VAL A 487 -13.19 -26.39 13.81
C VAL A 487 -11.82 -27.04 13.66
N ILE A 488 -11.09 -27.20 14.77
CA ILE A 488 -9.74 -27.74 14.70
C ILE A 488 -9.74 -29.20 14.22
N ALA A 489 -10.70 -30.01 14.69
CA ALA A 489 -10.79 -31.38 14.23
C ALA A 489 -10.95 -31.41 12.71
N ARG A 490 -11.70 -30.43 12.20
CA ARG A 490 -11.91 -30.31 10.76
C ARG A 490 -10.60 -30.01 10.05
N ALA A 491 -9.81 -29.10 10.60
CA ALA A 491 -8.54 -28.77 9.97
C ALA A 491 -7.60 -29.97 10.02
N MET A 492 -7.50 -30.61 11.20
CA MET A 492 -6.66 -31.79 11.32
C MET A 492 -7.10 -32.88 10.36
N SER A 493 -8.40 -32.98 10.09
CA SER A 493 -8.93 -33.99 9.19
C SER A 493 -8.40 -33.84 7.76
N GLN A 494 -7.95 -32.65 7.38
CA GLN A 494 -7.39 -32.43 6.06
C GLN A 494 -5.87 -32.55 6.02
N LEU A 495 -5.25 -32.97 7.12
CA LEU A 495 -3.81 -33.15 7.12
C LEU A 495 -3.39 -34.14 6.03
N GLY A 496 -2.37 -33.76 5.26
CA GLY A 496 -1.91 -34.55 4.15
C GLY A 496 -2.48 -34.16 2.81
N VAL A 497 -3.57 -33.40 2.79
CA VAL A 497 -4.19 -32.98 1.52
C VAL A 497 -3.24 -32.04 0.80
N GLN A 498 -3.07 -32.23 -0.51
CA GLN A 498 -2.16 -31.38 -1.27
C GLN A 498 -2.66 -29.94 -1.35
N TYR A 499 -1.70 -29.02 -1.47
CA TYR A 499 -1.95 -27.58 -1.69
C TYR A 499 -2.38 -27.26 -3.11
N ALA A 500 -3.33 -26.33 -3.25
CA ALA A 500 -3.76 -25.84 -4.56
C ALA A 500 -4.13 -24.36 -4.49
N TRP A 501 -3.39 -23.50 -5.20
CA TRP A 501 -3.66 -22.06 -5.21
C TRP A 501 -5.11 -21.74 -5.54
N GLY A 502 -5.78 -21.00 -4.66
CA GLY A 502 -7.19 -20.69 -4.86
C GLY A 502 -8.13 -21.83 -4.55
N GLY A 503 -7.58 -22.99 -4.18
CA GLY A 503 -8.38 -24.16 -3.92
C GLY A 503 -9.16 -24.15 -2.62
N GLY A 504 -10.30 -24.80 -2.64
CA GLY A 504 -11.05 -24.97 -1.40
C GLY A 504 -12.39 -24.28 -1.22
N ASN A 505 -13.30 -24.99 -0.53
CA ASN A 505 -14.59 -24.48 -0.12
C ASN A 505 -14.94 -25.13 1.21
N ALA A 506 -16.15 -24.86 1.69
CA ALA A 506 -16.62 -25.39 2.96
C ALA A 506 -16.69 -26.91 3.04
N ASN A 507 -16.78 -27.61 1.90
CA ASN A 507 -16.86 -29.07 1.88
C ASN A 507 -15.53 -29.76 1.69
N GLY A 508 -14.49 -29.03 1.29
CA GLY A 508 -13.20 -29.65 1.10
C GLY A 508 -12.35 -28.98 0.03
N PRO A 509 -11.39 -29.74 -0.48
CA PRO A 509 -10.50 -29.23 -1.52
C PRO A 509 -11.21 -29.02 -2.85
N THR A 510 -10.63 -28.15 -3.67
CA THR A 510 -11.14 -27.86 -5.00
C THR A 510 -9.96 -27.78 -5.97
N LEU A 511 -10.31 -27.77 -7.25
CA LEU A 511 -9.37 -27.56 -8.33
C LEU A 511 -8.67 -26.21 -8.27
N GLY A 512 -7.39 -26.22 -8.63
CA GLY A 512 -6.57 -25.03 -8.69
C GLY A 512 -6.93 -24.08 -9.82
N ILE A 513 -6.12 -23.03 -9.93
CA ILE A 513 -6.26 -22.02 -10.97
C ILE A 513 -5.10 -22.11 -11.97
N VAL A 528 -6.78 -30.82 -7.00
CA VAL A 528 -7.73 -30.80 -5.90
C VAL A 528 -7.00 -30.53 -4.59
N GLY A 529 -7.15 -29.32 -4.05
CA GLY A 529 -6.44 -29.01 -2.83
C GLY A 529 -6.96 -27.81 -2.09
N PHE A 530 -6.09 -27.26 -1.24
CA PHE A 530 -6.35 -26.08 -0.42
C PHE A 530 -5.20 -25.09 -0.51
N ASP A 531 -5.54 -23.81 -0.45
CA ASP A 531 -4.58 -22.77 -0.15
C ASP A 531 -4.88 -22.27 1.25
N CYS A 532 -3.97 -21.46 1.81
CA CYS A 532 -3.98 -21.21 3.25
C CYS A 532 -5.33 -20.68 3.72
N SER A 533 -5.82 -19.60 3.08
CA SER A 533 -7.07 -19.00 3.53
C SER A 533 -8.29 -19.84 3.15
N GLY A 534 -8.15 -20.73 2.17
CA GLY A 534 -9.23 -21.66 1.87
C GLY A 534 -9.43 -22.69 2.98
N LEU A 535 -8.32 -23.18 3.54
CA LEU A 535 -8.38 -24.17 4.60
C LEU A 535 -9.06 -23.64 5.86
N THR A 536 -8.71 -22.42 6.28
CA THR A 536 -9.31 -21.86 7.49
C THR A 536 -10.81 -21.66 7.30
N LEU A 537 -11.23 -21.25 6.10
CA LEU A 537 -12.64 -21.11 5.76
C LEU A 537 -13.38 -22.43 5.98
N TYR A 538 -12.77 -23.53 5.55
CA TYR A 538 -13.38 -24.85 5.69
C TYR A 538 -13.58 -25.21 7.15
N ALA A 539 -12.56 -25.03 7.99
CA ALA A 539 -12.65 -25.44 9.39
C ALA A 539 -13.74 -24.66 10.13
N PHE A 540 -13.72 -23.33 10.02
CA PHE A 540 -14.67 -22.51 10.77
C PHE A 540 -16.09 -22.56 10.22
N ALA A 541 -16.28 -22.96 8.97
CA ALA A 541 -17.63 -23.17 8.44
C ALA A 541 -18.40 -24.27 9.17
N GLY A 542 -17.69 -25.18 9.84
CA GLY A 542 -18.28 -26.22 10.65
C GLY A 542 -19.16 -25.73 11.78
N VAL A 543 -18.95 -24.51 12.24
CA VAL A 543 -19.75 -23.89 13.28
C VAL A 543 -20.53 -22.70 12.71
N GLY A 544 -20.83 -22.74 11.43
CA GLY A 544 -21.62 -21.70 10.80
C GLY A 544 -20.96 -20.35 10.65
N ILE A 545 -19.63 -20.31 10.67
CA ILE A 545 -18.85 -19.09 10.53
C ILE A 545 -18.45 -18.98 9.06
N SER A 546 -19.10 -18.08 8.32
CA SER A 546 -18.85 -17.92 6.89
C SER A 546 -17.64 -17.01 6.71
N LEU A 547 -16.54 -17.56 6.13
CA LEU A 547 -15.37 -16.71 5.97
C LEU A 547 -15.05 -16.41 4.50
N PRO A 548 -14.52 -15.21 4.23
CA PRO A 548 -14.04 -14.88 2.89
C PRO A 548 -12.72 -15.58 2.55
N HIS A 549 -12.49 -15.75 1.25
CA HIS A 549 -11.30 -16.44 0.76
C HIS A 549 -10.16 -15.45 0.53
N TYR A 550 -9.82 -14.69 1.58
CA TYR A 550 -8.69 -13.76 1.54
C TYR A 550 -8.24 -13.43 2.95
N THR A 551 -6.95 -13.63 3.22
CA THR A 551 -6.40 -13.38 4.56
C THR A 551 -6.75 -11.97 5.02
N GLY A 552 -6.54 -10.98 4.13
CA GLY A 552 -6.81 -9.60 4.48
C GLY A 552 -8.24 -9.35 4.90
N TYR A 553 -9.19 -10.06 4.31
CA TYR A 553 -10.58 -9.87 4.74
C TYR A 553 -10.89 -10.70 5.97
N GLN A 554 -10.33 -11.91 6.05
CA GLN A 554 -10.50 -12.71 7.26
C GLN A 554 -9.94 -11.97 8.48
N TYR A 555 -8.86 -11.20 8.28
CA TYR A 555 -8.27 -10.42 9.35
C TYR A 555 -9.25 -9.42 9.93
N GLN A 556 -10.30 -9.08 9.19
CA GLN A 556 -11.31 -8.12 9.63
C GLN A 556 -12.43 -8.79 10.43
N HIS A 557 -12.48 -10.12 10.47
CA HIS A 557 -13.53 -10.82 11.18
C HIS A 557 -13.12 -11.09 12.63
N GLY A 558 -14.12 -11.45 13.43
CA GLY A 558 -13.93 -11.85 14.81
C GLY A 558 -13.35 -10.73 15.67
N THR A 559 -12.70 -11.18 16.74
CA THR A 559 -12.09 -10.30 17.73
C THR A 559 -10.58 -10.49 17.68
N LYS A 560 -9.83 -9.39 17.63
CA LYS A 560 -8.38 -9.48 17.62
C LYS A 560 -7.84 -9.64 19.02
N VAL A 561 -6.73 -10.37 19.12
CA VAL A 561 -6.07 -10.65 20.39
C VAL A 561 -4.58 -10.42 20.22
N SER A 562 -3.92 -9.98 21.28
CA SER A 562 -2.48 -9.81 21.21
C SER A 562 -1.83 -11.17 20.96
N PRO A 563 -0.81 -11.24 20.10
CA PRO A 563 -0.18 -12.55 19.82
C PRO A 563 0.34 -13.28 21.05
N SER A 564 0.79 -12.58 22.09
CA SER A 564 1.26 -13.23 23.31
C SER A 564 0.18 -13.97 24.08
N GLU A 565 -1.11 -13.67 23.84
CA GLU A 565 -2.20 -14.35 24.53
C GLU A 565 -2.94 -15.32 23.61
N MET A 566 -2.33 -15.70 22.49
CA MET A 566 -3.00 -16.62 21.57
C MET A 566 -3.30 -17.94 22.27
N GLN A 567 -4.40 -18.57 21.84
CA GLN A 567 -4.81 -19.87 22.38
C GLN A 567 -5.50 -20.64 21.27
N ARG A 568 -5.59 -21.95 21.49
CA ARG A 568 -6.17 -22.88 20.53
C ARG A 568 -7.41 -22.29 19.88
N GLY A 569 -7.43 -22.28 18.55
CA GLY A 569 -8.52 -21.71 17.79
C GLY A 569 -8.23 -20.36 17.16
N ASP A 570 -7.24 -19.62 17.66
CA ASP A 570 -6.94 -18.32 17.08
C ASP A 570 -6.34 -18.48 15.69
N LEU A 571 -6.52 -17.46 14.87
CA LEU A 571 -5.92 -17.39 13.55
C LEU A 571 -4.63 -16.58 13.62
N ILE A 572 -3.55 -17.14 13.08
CA ILE A 572 -2.27 -16.44 13.00
C ILE A 572 -2.11 -15.92 11.57
N PHE A 573 -1.83 -14.62 11.46
CA PHE A 573 -1.65 -13.97 10.17
C PHE A 573 -0.22 -13.47 10.01
N TYR A 574 0.20 -13.31 8.76
CA TYR A 574 1.54 -12.83 8.43
C TYR A 574 1.47 -11.71 7.41
N GLY A 575 2.47 -10.82 7.44
CA GLY A 575 2.57 -9.73 6.50
C GLY A 575 1.85 -8.47 6.97
N PRO A 576 2.18 -7.33 6.40
CA PRO A 576 1.52 -6.09 6.82
C PRO A 576 0.03 -6.17 6.55
N GLY A 577 -0.77 -5.91 7.59
CA GLY A 577 -2.21 -6.07 7.50
C GLY A 577 -2.69 -7.41 7.01
N ALA A 578 -1.96 -8.48 7.37
CA ALA A 578 -2.31 -9.86 7.02
C ALA A 578 -2.34 -10.11 5.51
N SER A 579 -1.48 -9.42 4.76
CA SER A 579 -1.46 -9.54 3.31
C SER A 579 -0.73 -10.78 2.80
N GLN A 580 0.05 -11.48 3.63
CA GLN A 580 0.91 -12.55 3.13
C GLN A 580 0.48 -13.97 3.47
N HIS A 581 0.02 -14.26 4.68
CA HIS A 581 -0.23 -15.65 5.04
C HIS A 581 -1.19 -15.74 6.23
N VAL A 582 -1.85 -16.90 6.36
CA VAL A 582 -2.73 -17.18 7.49
C VAL A 582 -2.58 -18.63 7.92
N ALA A 583 -2.73 -18.87 9.23
CA ALA A 583 -2.70 -20.20 9.82
C ALA A 583 -3.63 -20.23 11.02
N ILE A 584 -3.99 -21.43 11.46
CA ILE A 584 -4.81 -21.62 12.66
C ILE A 584 -3.93 -22.07 13.81
N TYR A 585 -3.99 -21.36 14.93
CA TYR A 585 -3.24 -21.79 16.10
C TYR A 585 -3.91 -23.03 16.65
N LEU A 586 -3.12 -24.06 16.93
CA LEU A 586 -3.64 -25.32 17.43
C LEU A 586 -3.49 -25.45 18.94
N GLY A 587 -2.81 -24.50 19.59
CA GLY A 587 -2.50 -24.61 21.00
C GLY A 587 -1.21 -25.34 21.25
N ASP A 588 -0.70 -25.18 22.47
CA ASP A 588 0.57 -25.80 22.89
C ASP A 588 1.71 -25.43 21.94
N GLY A 589 1.71 -24.17 21.49
CA GLY A 589 2.76 -23.61 20.65
C GLY A 589 2.94 -24.23 19.28
N GLN A 590 1.94 -24.94 18.79
CA GLN A 590 1.95 -25.52 17.45
C GLN A 590 0.75 -25.03 16.66
N MET A 591 0.88 -24.99 15.33
CA MET A 591 -0.22 -24.56 14.46
C MET A 591 -0.30 -25.42 13.20
N ILE A 592 -1.49 -25.44 12.60
CA ILE A 592 -1.76 -26.16 11.37
C ILE A 592 -1.85 -25.15 10.23
N GLU A 593 -1.24 -25.47 9.09
CA GLU A 593 -1.15 -24.52 7.99
C GLU A 593 -0.92 -25.23 6.67
N ALA A 594 -1.16 -24.50 5.58
CA ALA A 594 -0.82 -24.88 4.21
C ALA A 594 0.21 -23.89 3.70
N PRO A 595 1.51 -24.17 3.87
CA PRO A 595 2.54 -23.12 3.76
C PRO A 595 2.98 -22.69 2.36
N ASN A 596 3.29 -23.63 1.46
CA ASN A 596 3.84 -23.23 0.18
C ASN A 596 3.71 -24.36 -0.82
N SER A 597 3.95 -24.02 -2.09
CA SER A 597 3.86 -25.00 -3.16
C SER A 597 4.81 -26.16 -2.91
N GLY A 598 4.31 -27.37 -3.18
CA GLY A 598 5.06 -28.58 -2.94
C GLY A 598 4.92 -29.15 -1.55
N SER A 599 4.24 -28.44 -0.65
CA SER A 599 4.03 -28.90 0.71
C SER A 599 2.56 -29.21 0.93
N VAL A 600 2.29 -30.32 1.61
CA VAL A 600 0.93 -30.74 1.89
C VAL A 600 0.42 -29.97 3.10
N VAL A 601 -0.87 -30.07 3.39
CA VAL A 601 -1.42 -29.49 4.62
C VAL A 601 -0.75 -30.16 5.81
N LYS A 602 -0.17 -29.36 6.71
CA LYS A 602 0.65 -29.95 7.75
C LYS A 602 0.57 -29.14 9.03
N ILE A 603 0.95 -29.78 10.12
CA ILE A 603 1.08 -29.15 11.44
C ILE A 603 2.54 -28.77 11.64
N SER A 604 2.79 -27.53 12.02
CA SER A 604 4.12 -27.04 12.27
C SER A 604 4.11 -26.22 13.54
N PRO A 605 5.25 -26.12 14.24
CA PRO A 605 5.31 -25.18 15.36
C PRO A 605 5.08 -23.76 14.86
N VAL A 606 4.49 -22.93 15.71
CA VAL A 606 4.19 -21.56 15.37
C VAL A 606 5.46 -20.79 15.01
N ARG A 607 5.40 -20.04 13.92
CA ARG A 607 6.51 -19.20 13.49
C ARG A 607 6.20 -17.77 13.92
N TRP A 608 7.21 -17.10 14.46
CA TRP A 608 7.09 -15.75 15.00
C TRP A 608 7.63 -14.67 14.07
N SER A 609 8.56 -15.00 13.18
CA SER A 609 9.04 -14.04 12.20
C SER A 609 7.98 -13.66 11.18
N GLY A 610 7.91 -12.38 10.85
CA GLY A 610 7.01 -11.90 9.82
C GLY A 610 5.55 -11.92 10.21
N MET A 611 5.23 -12.27 11.45
CA MET A 611 3.86 -12.32 11.93
C MET A 611 3.21 -10.94 11.93
N THR A 612 1.91 -10.91 11.68
CA THR A 612 1.18 -9.67 11.78
C THR A 612 1.12 -9.19 13.22
N GLU A 613 0.65 -7.95 13.38
CA GLU A 613 0.56 -7.31 14.67
C GLU A 613 -0.50 -7.93 15.59
N SER A 614 -1.52 -8.59 15.05
CA SER A 614 -2.54 -9.18 15.91
C SER A 614 -2.87 -10.58 15.41
N VAL A 615 -3.38 -11.42 16.33
CA VAL A 615 -4.04 -12.66 15.95
C VAL A 615 -5.54 -12.42 16.01
N VAL A 616 -6.31 -13.31 15.38
CA VAL A 616 -7.76 -13.18 15.37
C VAL A 616 -8.40 -14.39 16.05
N ARG A 617 -9.27 -14.15 17.03
CA ARG A 617 -10.00 -15.20 17.72
C ARG A 617 -11.45 -15.13 17.24
N LEU A 618 -11.92 -16.17 16.57
CA LEU A 618 -13.28 -16.15 16.08
C LEU A 618 -14.26 -16.79 17.05
N ILE A 619 -13.77 -17.65 17.93
CA ILE A 619 -14.60 -18.35 18.91
C ILE A 619 -14.20 -17.91 20.32
N LEU B 46 11.09 -21.69 26.90
CA LEU B 46 11.88 -20.50 27.19
C LEU B 46 12.25 -19.85 25.87
N ALA B 47 12.68 -20.73 24.96
CA ALA B 47 13.02 -20.33 23.59
C ALA B 47 11.88 -19.58 22.94
N GLY B 48 10.65 -20.06 23.15
CA GLY B 48 9.49 -19.39 22.59
C GLY B 48 9.25 -18.01 23.16
N SER B 49 9.34 -17.85 24.48
CA SER B 49 9.04 -16.53 25.03
C SER B 49 10.13 -15.51 24.66
N LEU B 50 11.40 -15.92 24.76
CA LEU B 50 12.48 -15.15 24.15
C LEU B 50 12.18 -14.71 22.72
N SER B 51 11.95 -15.68 21.83
CA SER B 51 11.78 -15.37 20.41
C SER B 51 10.51 -14.58 20.13
N SER B 52 9.46 -14.76 20.92
CA SER B 52 8.24 -13.96 20.70
C SER B 52 8.40 -12.54 21.21
N THR B 53 9.10 -12.33 22.33
CA THR B 53 9.39 -10.97 22.70
C THR B 53 10.41 -10.30 21.77
N ASP B 54 11.25 -11.09 21.07
CA ASP B 54 12.10 -10.50 20.03
C ASP B 54 11.32 -10.19 18.76
N ALA B 55 10.32 -11.00 18.43
CA ALA B 55 9.40 -10.64 17.36
C ALA B 55 8.67 -9.35 17.66
N GLU B 56 8.16 -9.20 18.90
CA GLU B 56 7.50 -7.94 19.25
C GLU B 56 8.47 -6.78 19.28
N ILE B 57 9.68 -7.01 19.79
CA ILE B 57 10.73 -6.00 19.74
C ILE B 57 10.93 -5.49 18.33
N ASN B 58 11.02 -6.40 17.35
CA ASN B 58 11.28 -5.93 15.99
C ASN B 58 10.03 -5.33 15.35
N ARG B 59 8.84 -5.83 15.69
CA ARG B 59 7.60 -5.16 15.32
C ARG B 59 7.63 -3.70 15.75
N VAL B 60 7.89 -3.48 17.05
CA VAL B 60 7.87 -2.15 17.63
C VAL B 60 8.97 -1.29 17.03
N GLU B 61 10.10 -1.91 16.67
CA GLU B 61 11.19 -1.17 16.06
C GLU B 61 10.79 -0.68 14.68
N LEU B 62 10.10 -1.54 13.91
CA LEU B 62 9.60 -1.13 12.61
C LEU B 62 8.52 -0.06 12.73
N GLU B 63 7.70 -0.14 13.78
CA GLU B 63 6.66 0.88 13.97
C GLU B 63 7.32 2.24 14.23
N MET B 64 8.28 2.26 15.15
CA MET B 64 9.09 3.45 15.37
C MET B 64 9.70 3.96 14.07
N GLY B 65 10.23 3.04 13.26
CA GLY B 65 10.80 3.43 11.97
C GLY B 65 9.77 4.10 11.10
N ALA B 66 8.56 3.53 11.05
CA ALA B 66 7.48 4.07 10.23
C ALA B 66 7.16 5.50 10.62
N LEU B 67 7.08 5.78 11.92
CA LEU B 67 6.76 7.14 12.34
C LEU B 67 7.90 8.10 12.00
N ARG B 68 9.15 7.68 12.27
CA ARG B 68 10.29 8.55 12.00
C ARG B 68 10.33 8.92 10.52
N GLU B 69 10.20 7.92 9.65
CA GLU B 69 10.22 8.19 8.22
C GLU B 69 9.01 8.99 7.76
N GLU B 70 7.85 8.77 8.38
CA GLU B 70 6.67 9.58 8.10
C GLU B 70 6.96 11.06 8.25
N VAL B 71 7.54 11.44 9.39
CA VAL B 71 7.90 12.85 9.58
C VAL B 71 8.94 13.27 8.55
N ASN B 72 9.95 12.44 8.29
CA ASN B 72 10.94 12.79 7.28
C ASN B 72 10.30 13.10 5.93
N LYS B 73 9.32 12.28 5.55
CA LYS B 73 8.61 12.46 4.29
C LYS B 73 7.90 13.81 4.28
N SER B 74 7.11 14.08 5.31
CA SER B 74 6.33 15.30 5.20
C SER B 74 7.18 16.54 5.45
N LEU B 75 8.38 16.36 6.01
CA LEU B 75 9.43 17.38 5.96
C LEU B 75 9.84 17.69 4.54
N VAL B 76 10.08 16.64 3.74
CA VAL B 76 10.39 16.84 2.33
C VAL B 76 9.26 17.59 1.65
N ASP B 77 8.02 17.13 1.87
CA ASP B 77 6.87 17.76 1.26
C ASP B 77 6.80 19.23 1.62
N LEU B 78 7.04 19.56 2.89
CA LEU B 78 7.00 20.95 3.33
C LEU B 78 8.04 21.80 2.63
N HIS B 79 9.30 21.38 2.63
CA HIS B 79 10.34 22.20 2.01
C HIS B 79 10.12 22.36 0.51
N ASP B 80 9.50 21.36 -0.12
CA ASP B 80 9.24 21.51 -1.55
C ASP B 80 8.04 22.41 -1.81
N ALA B 81 7.00 22.33 -0.97
CA ALA B 81 5.90 23.28 -1.07
C ALA B 81 6.38 24.71 -0.81
N GLN B 82 7.32 24.88 0.13
CA GLN B 82 7.91 26.19 0.38
C GLN B 82 8.63 26.70 -0.86
N ALA B 83 9.37 25.82 -1.55
CA ALA B 83 10.04 26.24 -2.78
C ALA B 83 9.03 26.58 -3.87
N ILE B 84 7.94 25.83 -3.93
CA ILE B 84 6.84 26.13 -4.87
C ILE B 84 6.30 27.53 -4.61
N ALA B 85 6.00 27.83 -3.35
CA ALA B 85 5.46 29.13 -2.97
C ALA B 85 6.43 30.25 -3.37
N GLU B 86 7.70 30.08 -3.00
CA GLU B 86 8.69 31.10 -3.34
C GLU B 86 8.85 31.27 -4.86
N GLN B 87 8.66 30.20 -5.64
CA GLN B 87 8.78 30.37 -7.09
C GLN B 87 7.59 31.14 -7.62
N ALA B 88 6.39 30.85 -7.10
CA ALA B 88 5.23 31.64 -7.48
C ALA B 88 5.38 33.11 -7.09
N ARG B 89 6.03 33.36 -5.95
CA ARG B 89 6.31 34.72 -5.50
C ARG B 89 7.24 35.46 -6.45
N GLN B 90 8.33 34.81 -6.88
CA GLN B 90 9.23 35.46 -7.82
C GLN B 90 8.57 35.65 -9.18
N ASP B 91 7.59 34.81 -9.52
CA ASP B 91 6.80 35.04 -10.73
C ASP B 91 5.95 36.30 -10.60
N ALA B 92 5.26 36.44 -9.46
CA ALA B 92 4.48 37.65 -9.22
C ALA B 92 5.33 38.92 -9.27
N LEU B 93 6.52 38.89 -8.63
CA LEU B 93 7.40 40.07 -8.71
C LEU B 93 7.80 40.38 -10.15
N ALA B 94 8.17 39.35 -10.94
CA ALA B 94 8.51 39.59 -12.34
C ALA B 94 7.35 40.26 -13.06
N ALA B 95 6.13 39.85 -12.71
CA ALA B 95 4.94 40.41 -13.31
C ALA B 95 4.81 41.89 -12.98
N LYS B 96 4.98 42.25 -11.70
CA LYS B 96 4.90 43.65 -11.32
C LYS B 96 6.00 44.47 -11.99
N LYS B 97 7.17 43.86 -12.19
CA LYS B 97 8.28 44.52 -12.86
C LYS B 97 7.89 44.93 -14.28
N ASP B 98 7.35 43.99 -15.06
CA ASP B 98 7.00 44.36 -16.43
C ASP B 98 5.75 45.25 -16.46
N LEU B 99 4.88 45.14 -15.46
CA LEU B 99 3.73 46.04 -15.40
C LEU B 99 4.20 47.48 -15.19
N ASP B 100 5.17 47.68 -14.30
CA ASP B 100 5.74 49.01 -14.09
C ASP B 100 6.48 49.54 -15.30
N ASP B 101 7.25 48.70 -16.00
CA ASP B 101 7.87 49.23 -17.22
C ASP B 101 6.84 49.66 -18.27
N SER B 102 5.79 48.85 -18.48
CA SER B 102 4.74 49.25 -19.43
C SER B 102 4.02 50.51 -18.96
N GLN B 103 3.76 50.58 -17.66
CA GLN B 103 3.17 51.73 -16.99
C GLN B 103 3.92 53.00 -17.35
N ALA B 104 5.21 53.06 -16.98
CA ALA B 104 5.94 54.31 -17.15
C ALA B 104 6.23 54.58 -18.62
N GLN B 105 6.18 53.54 -19.47
CA GLN B 105 6.26 53.78 -20.90
C GLN B 105 5.02 54.56 -21.35
N ILE B 106 3.84 54.10 -20.95
CA ILE B 106 2.59 54.83 -21.26
C ILE B 106 2.62 56.23 -20.68
N GLU B 107 3.16 56.39 -19.47
CA GLU B 107 3.15 57.72 -18.88
C GLU B 107 4.09 58.67 -19.63
N ALA B 108 5.20 58.13 -20.15
CA ALA B 108 6.08 58.94 -20.98
C ALA B 108 5.40 59.32 -22.28
N ALA B 109 4.66 58.40 -22.89
CA ALA B 109 3.94 58.72 -24.11
C ALA B 109 2.79 59.71 -23.89
N GLN B 110 2.04 59.57 -22.78
CA GLN B 110 1.01 60.56 -22.47
C GLN B 110 1.62 61.95 -22.30
N GLU B 111 2.76 62.04 -21.61
CA GLU B 111 3.43 63.33 -21.42
C GLU B 111 3.99 63.82 -22.74
N ARG B 112 4.28 62.89 -23.64
CA ARG B 112 4.65 63.24 -25.00
C ARG B 112 3.46 63.86 -25.72
N LEU B 113 2.26 63.33 -25.49
CA LEU B 113 1.05 63.98 -26.01
C LEU B 113 0.95 65.40 -25.48
N ASP B 114 1.25 65.57 -24.20
CA ASP B 114 1.32 66.89 -23.58
C ASP B 114 2.24 67.84 -24.36
N ARG B 145 0.27 78.59 -43.98
CA ARG B 145 -0.24 78.13 -42.69
C ARG B 145 -0.59 76.63 -42.76
N GLN B 146 -1.25 76.25 -43.86
CA GLN B 146 -1.72 74.89 -44.02
C GLN B 146 -0.58 73.89 -43.96
N THR B 147 0.59 74.24 -44.50
CA THR B 147 1.77 73.39 -44.35
C THR B 147 2.18 73.17 -42.88
N TYR B 148 2.12 74.22 -42.06
CA TYR B 148 2.54 74.05 -40.67
C TYR B 148 1.54 73.15 -39.92
N LEU B 149 0.26 73.34 -40.25
CA LEU B 149 -0.81 72.49 -39.73
C LEU B 149 -0.65 71.04 -40.17
N ARG B 150 -0.29 70.85 -41.44
CA ARG B 150 -0.08 69.51 -41.99
C ARG B 150 0.98 68.76 -41.21
N THR B 151 2.17 69.33 -41.07
CA THR B 151 3.24 68.55 -40.46
C THR B 151 3.04 68.34 -38.96
N SER B 152 2.35 69.26 -38.26
CA SER B 152 2.08 68.95 -36.86
C SER B 152 1.00 67.89 -36.68
N ALA B 153 0.03 67.84 -37.60
CA ALA B 153 -0.94 66.74 -37.58
C ALA B 153 -0.30 65.37 -37.84
N GLU B 154 0.62 65.28 -38.80
CA GLU B 154 1.26 63.99 -39.05
C GLU B 154 2.10 63.52 -37.87
N LYS B 155 2.82 64.45 -37.22
CA LYS B 155 3.57 64.07 -36.03
C LYS B 155 2.64 63.57 -34.92
N GLN B 156 1.50 64.26 -34.74
CA GLN B 156 0.54 63.85 -33.73
C GLN B 156 -0.03 62.46 -34.00
N GLN B 157 -0.26 62.11 -35.27
CA GLN B 157 -0.75 60.75 -35.54
C GLN B 157 0.30 59.68 -35.21
N ALA B 158 1.57 59.95 -35.51
CA ALA B 158 2.62 59.01 -35.09
C ALA B 158 2.59 58.77 -33.58
N ALA B 159 2.49 59.87 -32.82
CA ALA B 159 2.46 59.76 -31.36
C ALA B 159 1.23 58.99 -30.89
N VAL B 160 0.08 59.21 -31.54
CA VAL B 160 -1.14 58.55 -31.13
C VAL B 160 -1.02 57.04 -31.29
N GLU B 161 -0.49 56.57 -32.43
CA GLU B 161 -0.40 55.13 -32.58
C GLU B 161 0.60 54.48 -31.62
N GLU B 162 1.71 55.15 -31.31
CA GLU B 162 2.58 54.57 -30.27
C GLU B 162 1.86 54.46 -28.92
N LEU B 163 1.08 55.49 -28.53
CA LEU B 163 0.35 55.37 -27.27
C LEU B 163 -0.69 54.25 -27.27
N ASP B 164 -1.42 54.09 -28.37
CA ASP B 164 -2.35 52.95 -28.48
C ASP B 164 -1.66 51.61 -28.25
N ARG B 165 -0.52 51.42 -28.92
CA ARG B 165 0.27 50.21 -28.70
C ARG B 165 0.57 50.02 -27.21
N LEU B 166 1.26 50.99 -26.60
CA LEU B 166 1.68 50.82 -25.21
C LEU B 166 0.48 50.60 -24.27
N ARG B 167 -0.69 51.15 -24.62
CA ARG B 167 -1.89 50.94 -23.82
C ARG B 167 -2.26 49.46 -23.80
N THR B 168 -2.43 48.86 -24.98
CA THR B 168 -2.85 47.46 -24.98
C THR B 168 -1.74 46.57 -24.43
N GLU B 169 -0.48 46.99 -24.55
CA GLU B 169 0.61 46.26 -23.90
C GLU B 169 0.41 46.25 -22.39
N ASN B 170 0.02 47.38 -21.82
CA ASN B 170 -0.21 47.45 -20.38
C ASN B 170 -1.38 46.59 -19.95
N ALA B 171 -2.43 46.51 -20.77
CA ALA B 171 -3.53 45.61 -20.44
C ALA B 171 -3.08 44.14 -20.43
N ASN B 172 -2.29 43.73 -21.42
CA ASN B 172 -1.75 42.36 -21.42
C ASN B 172 -0.86 42.10 -20.20
N LYS B 173 0.03 43.04 -19.88
CA LYS B 173 0.88 42.89 -18.70
C LYS B 173 0.05 42.88 -17.42
N GLU B 174 -1.04 43.64 -17.40
CA GLU B 174 -1.93 43.64 -16.23
C GLU B 174 -2.53 42.26 -16.03
N SER B 175 -2.88 41.59 -17.13
CA SER B 175 -3.36 40.21 -17.02
C SER B 175 -2.25 39.28 -16.54
N VAL B 176 -1.02 39.52 -17.01
CA VAL B 176 0.12 38.73 -16.55
C VAL B 176 0.28 38.83 -15.04
N LEU B 177 0.15 40.06 -14.51
CA LEU B 177 0.17 40.25 -13.06
C LEU B 177 -0.98 39.53 -12.38
N ARG B 178 -2.19 39.63 -12.96
CA ARG B 178 -3.33 38.91 -12.38
C ARG B 178 -3.03 37.44 -12.18
N GLN B 179 -2.45 36.80 -13.20
CA GLN B 179 -2.23 35.36 -13.09
C GLN B 179 -1.05 35.02 -12.18
N ALA B 180 0.02 35.81 -12.22
CA ALA B 180 1.13 35.56 -11.31
C ALA B 180 0.73 35.77 -9.85
N ARG B 181 -0.06 36.80 -9.57
CA ARG B 181 -0.53 37.05 -8.21
C ARG B 181 -1.46 35.96 -7.71
N ILE B 182 -2.40 35.49 -8.53
CA ILE B 182 -3.29 34.46 -8.01
C ILE B 182 -2.53 33.16 -7.78
N VAL B 183 -1.56 32.84 -8.65
CA VAL B 183 -0.80 31.60 -8.45
C VAL B 183 0.06 31.69 -7.19
N ALA B 184 0.70 32.85 -6.95
CA ALA B 184 1.48 32.99 -5.72
C ALA B 184 0.60 32.96 -4.48
N GLU B 185 -0.58 33.58 -4.52
CA GLU B 185 -1.49 33.51 -3.39
C GLU B 185 -1.84 32.06 -3.05
N GLN B 186 -2.22 31.29 -4.08
CA GLN B 186 -2.63 29.91 -3.86
C GLN B 186 -1.50 29.08 -3.29
N ARG B 187 -0.33 29.11 -3.92
CA ARG B 187 0.68 28.15 -3.50
C ARG B 187 1.48 28.63 -2.28
N GLU B 188 1.43 29.93 -1.96
CA GLU B 188 1.80 30.38 -0.63
C GLU B 188 0.89 29.79 0.44
N ALA B 189 -0.43 29.82 0.20
CA ALA B 189 -1.33 29.20 1.14
C ALA B 189 -1.04 27.71 1.28
N GLU B 190 -0.76 27.04 0.16
CA GLU B 190 -0.43 25.62 0.18
C GLU B 190 0.79 25.35 1.07
N ALA B 191 1.82 26.19 0.97
CA ALA B 191 3.00 25.98 1.81
C ALA B 191 2.71 26.27 3.28
N VAL B 192 1.90 27.29 3.56
CA VAL B 192 1.49 27.55 4.94
C VAL B 192 0.78 26.33 5.52
N GLU B 193 -0.19 25.79 4.78
CA GLU B 193 -0.92 24.62 5.25
C GLU B 193 0.03 23.48 5.56
N LYS B 194 0.87 23.09 4.59
CA LYS B 194 1.70 21.92 4.83
C LYS B 194 2.71 22.17 5.96
N GLN B 195 3.08 23.43 6.19
CA GLN B 195 3.95 23.75 7.31
C GLN B 195 3.26 23.41 8.63
N VAL B 196 2.05 23.94 8.82
CA VAL B 196 1.35 23.64 10.07
C VAL B 196 1.07 22.15 10.15
N GLN B 197 0.77 21.54 8.99
CA GLN B 197 0.52 20.11 8.89
C GLN B 197 1.65 19.31 9.52
N THR B 198 2.89 19.60 9.11
CA THR B 198 3.98 18.79 9.61
C THR B 198 4.40 19.20 11.02
N GLU B 199 4.15 20.44 11.45
CA GLU B 199 4.37 20.74 12.87
C GLU B 199 3.48 19.89 13.76
N ALA B 200 2.21 19.74 13.37
CA ALA B 200 1.30 18.93 14.19
C ALA B 200 1.63 17.45 14.07
N ALA B 201 2.01 17.02 12.86
CA ALA B 201 2.48 15.65 12.68
C ALA B 201 3.69 15.36 13.55
N ILE B 202 4.61 16.34 13.66
CA ILE B 202 5.73 16.22 14.59
C ILE B 202 5.23 16.00 16.01
N ALA B 203 4.27 16.81 16.46
CA ALA B 203 3.76 16.63 17.82
C ALA B 203 3.24 15.20 18.03
N ALA B 204 2.38 14.75 17.11
CA ALA B 204 1.74 13.44 17.23
C ALA B 204 2.77 12.32 17.21
N ASN B 205 3.73 12.40 16.29
CA ASN B 205 4.70 11.32 16.13
C ASN B 205 5.71 11.33 17.26
N SER B 206 6.01 12.50 17.84
CA SER B 206 6.85 12.53 19.03
C SER B 206 6.16 11.79 20.17
N GLU B 207 4.85 11.99 20.32
CA GLU B 207 4.14 11.31 21.40
C GLU B 207 4.13 9.80 21.16
N GLN B 208 3.75 9.38 19.95
CA GLN B 208 3.70 7.96 19.62
C GLN B 208 5.08 7.29 19.72
N LEU B 209 6.13 7.99 19.29
CA LEU B 209 7.49 7.45 19.43
C LEU B 209 7.89 7.29 20.88
N ASN B 210 7.56 8.26 21.74
CA ASN B 210 7.95 8.11 23.14
C ASN B 210 7.25 6.91 23.76
N VAL B 211 5.99 6.69 23.36
CA VAL B 211 5.30 5.46 23.75
C VAL B 211 6.07 4.24 23.23
N LEU B 212 6.44 4.25 21.95
CA LEU B 212 7.10 3.09 21.35
C LEU B 212 8.40 2.77 22.09
N THR B 213 9.19 3.80 22.43
CA THR B 213 10.47 3.54 23.07
C THR B 213 10.32 3.12 24.52
N ASN B 214 9.24 3.55 25.19
CA ASN B 214 8.92 2.99 26.49
C ASN B 214 8.63 1.51 26.37
N ASN B 215 7.83 1.15 25.36
CA ASN B 215 7.54 -0.26 25.11
C ASN B 215 8.82 -1.02 24.83
N ARG B 216 9.72 -0.44 24.02
CA ARG B 216 10.96 -1.15 23.71
C ARG B 216 11.76 -1.42 24.97
N SER B 217 11.85 -0.44 25.88
CA SER B 217 12.64 -0.68 27.08
C SER B 217 11.99 -1.74 27.99
N THR B 218 10.66 -1.74 28.13
CA THR B 218 10.03 -2.82 28.89
C THR B 218 10.19 -4.17 28.19
N LEU B 219 10.12 -4.17 26.86
CA LEU B 219 10.33 -5.38 26.08
C LEU B 219 11.73 -5.92 26.27
N VAL B 220 12.75 -5.04 26.27
CA VAL B 220 14.10 -5.54 26.45
C VAL B 220 14.26 -6.02 27.88
N ALA B 221 13.54 -5.44 28.84
CA ALA B 221 13.54 -6.01 30.18
C ALA B 221 13.08 -7.45 30.12
N GLN B 222 11.90 -7.67 29.53
CA GLN B 222 11.38 -9.02 29.30
C GLN B 222 12.42 -9.92 28.65
N ARG B 223 13.13 -9.37 27.65
CA ARG B 223 14.05 -10.16 26.84
C ARG B 223 15.25 -10.59 27.66
N ASP B 224 15.78 -9.68 28.47
CA ASP B 224 16.91 -10.00 29.34
C ASP B 224 16.49 -11.01 30.38
N GLY B 225 15.27 -10.89 30.93
CA GLY B 225 14.82 -11.88 31.89
C GLY B 225 14.71 -13.26 31.28
N ALA B 226 14.09 -13.36 30.10
CA ALA B 226 13.94 -14.66 29.47
C ALA B 226 15.31 -15.25 29.13
N GLU B 227 16.24 -14.40 28.66
CA GLU B 227 17.61 -14.86 28.41
C GLU B 227 18.28 -15.34 29.70
N ARG B 228 18.12 -14.59 30.80
CA ARG B 228 18.69 -15.02 32.06
C ARG B 228 18.17 -16.40 32.46
N ASN B 229 16.88 -16.63 32.28
CA ASN B 229 16.34 -17.96 32.60
C ASN B 229 16.94 -19.04 31.69
N LEU B 230 17.05 -18.75 30.39
CA LEU B 230 17.72 -19.69 29.50
C LEU B 230 19.16 -19.96 29.93
N ALA B 231 19.84 -18.91 30.39
CA ALA B 231 21.20 -19.06 30.92
C ALA B 231 21.20 -19.97 32.14
N ILE B 232 20.18 -19.84 32.99
CA ILE B 232 20.04 -20.73 34.13
C ILE B 232 19.93 -22.17 33.66
N ALA B 233 19.15 -22.39 32.60
CA ALA B 233 18.98 -23.75 32.08
C ALA B 233 20.31 -24.30 31.57
N ARG B 234 21.03 -23.50 30.76
CA ARG B 234 22.32 -23.93 30.22
C ARG B 234 23.30 -24.23 31.34
N ALA B 235 23.31 -23.40 32.38
CA ALA B 235 24.17 -23.60 33.56
C ALA B 235 23.80 -24.88 34.28
N GLN B 236 22.49 -25.10 34.44
CA GLN B 236 21.91 -26.24 35.15
C GLN B 236 22.29 -27.55 34.48
N ALA B 237 22.35 -27.57 33.15
CA ALA B 237 22.72 -28.80 32.45
C ALA B 237 24.11 -29.26 32.89
N ASP B 238 25.10 -28.38 32.85
CA ASP B 238 26.47 -28.83 33.11
C ASP B 238 26.76 -28.75 34.61
N UNK B 350 29.34 22.90 20.79
CA UNK B 350 29.04 22.83 19.36
C UNK B 350 30.32 22.71 18.54
N UNK B 351 31.35 23.47 18.92
CA UNK B 351 32.58 23.50 18.14
C UNK B 351 33.45 22.27 18.37
N UNK B 352 33.37 21.65 19.56
CA UNK B 352 34.03 20.37 19.77
C UNK B 352 33.42 19.30 18.86
N UNK B 353 32.08 19.24 18.81
CA UNK B 353 31.42 18.35 17.86
C UNK B 353 31.78 18.70 16.41
N UNK B 354 31.98 19.99 16.12
CA UNK B 354 32.36 20.39 14.78
C UNK B 354 33.74 19.84 14.41
N UNK B 355 34.72 20.03 15.29
CA UNK B 355 36.06 19.53 15.01
C UNK B 355 36.08 18.00 14.93
N UNK B 356 35.27 17.33 15.74
CA UNK B 356 35.25 15.86 15.69
C UNK B 356 34.57 15.36 14.43
N UNK B 357 33.48 16.02 14.00
CA UNK B 357 32.88 15.67 12.72
C UNK B 357 33.85 15.92 11.59
N UNK B 358 34.68 16.97 11.69
CA UNK B 358 35.73 17.17 10.71
C UNK B 358 36.76 16.05 10.76
N UNK B 359 37.01 15.50 11.95
CA UNK B 359 37.88 14.33 12.04
C UNK B 359 37.33 13.16 11.24
N UNK B 360 36.07 12.81 11.50
CA UNK B 360 35.44 11.72 10.74
C UNK B 360 35.35 12.04 9.25
N UNK B 361 35.21 13.32 8.89
CA UNK B 361 35.18 13.68 7.48
C UNK B 361 36.56 13.64 6.84
N UNK B 362 37.63 13.88 7.61
CA UNK B 362 38.97 13.63 7.11
C UNK B 362 39.22 12.15 6.93
N UNK B 363 38.65 11.32 7.82
CA UNK B 363 38.60 9.89 7.56
C UNK B 363 37.83 9.59 6.27
N UNK B 364 36.78 10.38 6.00
CA UNK B 364 36.01 10.28 4.74
C UNK B 364 36.81 10.74 3.54
N UNK B 365 37.86 11.53 3.74
CA UNK B 365 38.72 11.94 2.62
C UNK B 365 39.67 10.81 2.24
N ALA B 392 38.21 13.57 -1.64
CA ALA B 392 37.88 15.00 -1.65
C ALA B 392 36.89 15.33 -2.76
N ALA B 393 37.02 14.60 -3.87
CA ALA B 393 36.06 14.73 -4.96
C ALA B 393 34.66 14.32 -4.52
N SER B 394 34.57 13.18 -3.84
CA SER B 394 33.25 12.71 -3.41
C SER B 394 32.59 13.69 -2.45
N ILE B 395 33.35 14.25 -1.51
CA ILE B 395 32.73 15.18 -0.58
C ILE B 395 32.34 16.47 -1.30
N ALA B 396 33.15 16.96 -2.24
CA ALA B 396 32.70 18.14 -2.97
C ALA B 396 31.46 17.89 -3.84
N ALA B 397 31.29 16.67 -4.35
CA ALA B 397 30.04 16.35 -5.04
C ALA B 397 28.86 16.34 -4.08
N ALA B 398 29.06 15.73 -2.92
CA ALA B 398 28.02 15.73 -1.89
C ALA B 398 27.66 17.13 -1.45
N ALA B 399 28.66 17.98 -1.30
CA ALA B 399 28.39 19.36 -0.87
C ALA B 399 27.62 20.10 -1.94
N LEU B 400 27.98 19.92 -3.22
CA LEU B 400 27.17 20.49 -4.28
C LEU B 400 25.72 20.11 -4.06
N ILE B 401 25.46 18.82 -3.84
CA ILE B 401 24.07 18.38 -3.64
C ILE B 401 23.47 19.08 -2.43
N ALA B 402 24.25 19.17 -1.34
CA ALA B 402 23.76 19.78 -0.10
C ALA B 402 23.32 21.20 -0.34
N ALA B 403 24.15 21.99 -1.04
CA ALA B 403 23.80 23.34 -1.41
C ALA B 403 22.69 23.37 -2.46
N SER B 404 22.33 22.22 -3.02
CA SER B 404 21.22 22.16 -3.96
C SER B 404 19.87 21.96 -3.29
N GLN B 405 19.82 21.55 -2.02
CA GLN B 405 18.55 21.25 -1.37
C GLN B 405 18.44 21.92 -0.01
N SER B 406 17.20 22.17 0.38
CA SER B 406 16.86 22.87 1.61
C SER B 406 17.26 22.03 2.82
N SER B 407 17.46 22.71 3.94
CA SER B 407 17.66 21.99 5.19
C SER B 407 16.42 21.15 5.48
N HIS B 408 16.63 19.82 5.50
CA HIS B 408 15.58 18.83 5.69
C HIS B 408 15.44 18.44 7.15
N ALA B 409 15.77 19.37 8.05
CA ALA B 409 15.66 19.22 9.49
C ALA B 409 14.71 20.19 10.16
N THR B 410 14.38 21.33 9.54
CA THR B 410 13.51 22.29 10.20
C THR B 410 12.14 22.26 9.54
N THR B 411 11.27 23.17 9.98
CA THR B 411 10.05 23.50 9.27
C THR B 411 10.00 24.94 8.84
N GLN B 412 10.59 25.82 9.65
CA GLN B 412 10.54 27.27 9.48
C GLN B 412 10.91 27.64 8.05
N ASN B 413 10.04 28.38 7.39
CA ASN B 413 10.22 28.63 5.96
C ASN B 413 11.47 29.46 5.69
N PRO B 414 12.49 28.91 4.99
CA PRO B 414 13.72 29.69 4.78
C PRO B 414 13.60 30.61 3.58
N TYR B 415 12.37 30.89 3.15
CA TYR B 415 12.14 31.75 2.00
C TYR B 415 11.55 33.09 2.39
N PRO B 416 11.60 34.08 1.49
CA PRO B 416 10.98 35.37 1.80
C PRO B 416 9.45 35.23 1.87
N THR B 417 8.85 36.09 2.69
CA THR B 417 7.40 36.18 2.91
C THR B 417 6.73 37.31 2.13
N ASP B 418 7.32 38.50 2.15
CA ASP B 418 6.85 39.63 1.35
C ASP B 418 7.32 39.48 -0.09
N GLU B 419 6.48 39.92 -1.02
CA GLU B 419 6.72 39.77 -2.46
C GLU B 419 7.85 40.61 -3.02
N ASP B 420 9.04 40.43 -2.44
CA ASP B 420 10.14 41.38 -2.60
C ASP B 420 11.43 40.56 -2.54
N ALA B 421 12.42 41.00 -3.32
CA ALA B 421 13.75 40.39 -3.44
C ALA B 421 13.68 39.14 -4.31
N ASP B 422 14.79 38.41 -4.43
CA ASP B 422 14.78 37.09 -5.05
C ASP B 422 16.01 36.26 -4.70
N PRO B 423 15.98 35.34 -3.76
CA PRO B 423 17.21 34.64 -3.39
C PRO B 423 17.42 33.51 -4.39
N THR B 424 18.47 32.72 -4.17
CA THR B 424 18.39 31.38 -4.74
C THR B 424 17.34 30.54 -4.02
N ASP B 425 16.87 29.53 -4.74
CA ASP B 425 15.79 28.67 -4.29
C ASP B 425 16.19 27.27 -4.70
N ILE B 426 16.04 26.32 -3.82
CA ILE B 426 16.70 25.05 -3.98
C ILE B 426 15.86 24.13 -4.85
N ALA B 427 16.53 23.20 -5.51
CA ALA B 427 15.88 22.27 -6.41
C ALA B 427 14.98 21.32 -5.63
N ASP B 428 14.19 20.55 -6.36
CA ASP B 428 13.05 19.82 -5.82
C ASP B 428 13.29 18.34 -6.09
N ILE B 429 13.20 17.52 -5.04
CA ILE B 429 13.89 16.25 -5.00
C ILE B 429 12.92 15.08 -4.84
N GLN B 430 11.61 15.36 -4.77
CA GLN B 430 10.62 14.35 -4.44
C GLN B 430 9.90 13.93 -5.72
N GLY B 431 8.89 13.08 -5.57
CA GLY B 431 8.03 12.73 -6.69
C GLY B 431 7.36 13.93 -7.33
N ASP B 479 34.27 3.85 -13.62
CA ASP B 479 33.17 2.92 -13.90
C ASP B 479 32.28 2.76 -12.67
N ARG B 480 31.27 1.90 -12.81
CA ARG B 480 30.33 1.65 -11.71
C ARG B 480 31.05 1.21 -10.44
N SER B 481 32.03 0.32 -10.57
CA SER B 481 32.74 -0.18 -9.39
C SER B 481 33.44 0.95 -8.66
N ALA B 482 34.14 1.83 -9.39
CA ALA B 482 34.78 2.96 -8.74
C ALA B 482 33.75 3.85 -8.08
N GLN B 483 32.61 4.04 -8.74
CA GLN B 483 31.55 4.87 -8.17
C GLN B 483 31.05 4.27 -6.86
N ILE B 484 30.76 2.97 -6.88
CA ILE B 484 30.29 2.23 -5.72
C ILE B 484 31.30 2.26 -4.55
N GLU B 485 32.58 2.02 -4.84
CA GLU B 485 33.56 1.99 -3.75
C GLU B 485 33.70 3.33 -3.04
N THR B 486 33.58 4.43 -3.77
CA THR B 486 33.62 5.74 -3.11
C THR B 486 32.47 5.91 -2.14
N VAL B 487 31.26 5.55 -2.57
CA VAL B 487 30.08 5.66 -1.72
C VAL B 487 30.20 4.81 -0.46
N ILE B 488 30.56 3.53 -0.60
CA ILE B 488 30.63 2.67 0.57
C ILE B 488 31.70 3.13 1.54
N ALA B 489 32.85 3.56 1.02
CA ALA B 489 33.91 4.10 1.88
C ALA B 489 33.40 5.30 2.67
N ARG B 490 32.55 6.11 2.02
CA ARG B 490 31.97 7.28 2.65
C ARG B 490 31.05 6.92 3.82
N ALA B 491 30.21 5.91 3.66
CA ALA B 491 29.29 5.53 4.73
C ALA B 491 30.09 5.02 5.91
N MET B 492 31.07 4.14 5.66
CA MET B 492 31.90 3.63 6.74
C MET B 492 32.62 4.76 7.48
N SER B 493 32.96 5.84 6.78
CA SER B 493 33.66 6.95 7.44
C SER B 493 32.83 7.61 8.54
N GLN B 494 31.51 7.47 8.52
CA GLN B 494 30.64 8.00 9.56
C GLN B 494 30.29 6.97 10.62
N LEU B 495 30.90 5.79 10.56
CA LEU B 495 30.66 4.76 11.56
C LEU B 495 30.95 5.29 12.95
N GLY B 496 30.03 5.05 13.88
CA GLY B 496 30.11 5.52 15.24
C GLY B 496 29.35 6.80 15.52
N VAL B 497 28.96 7.56 14.49
CA VAL B 497 28.21 8.79 14.72
C VAL B 497 26.86 8.42 15.30
N GLN B 498 26.40 9.14 16.33
CA GLN B 498 25.13 8.79 16.93
C GLN B 498 23.97 9.06 15.97
N TYR B 499 22.89 8.30 16.14
CA TYR B 499 21.66 8.51 15.39
C TYR B 499 20.91 9.74 15.89
N ALA B 500 20.34 10.51 14.96
CA ALA B 500 19.52 11.65 15.31
C ALA B 500 18.39 11.80 14.31
N TRP B 501 17.15 11.65 14.76
CA TRP B 501 15.98 11.74 13.89
C TRP B 501 15.98 13.01 13.05
N GLY B 502 15.89 12.84 11.74
CA GLY B 502 15.95 13.94 10.80
C GLY B 502 17.35 14.47 10.57
N GLY B 503 18.33 13.92 11.28
CA GLY B 503 19.69 14.41 11.17
C GLY B 503 20.40 13.99 9.90
N GLY B 504 21.28 14.86 9.43
CA GLY B 504 22.08 14.47 8.29
C GLY B 504 21.83 15.21 7.00
N ASN B 505 22.91 15.45 6.27
CA ASN B 505 22.88 16.03 4.94
C ASN B 505 24.03 15.43 4.15
N ALA B 506 24.23 15.93 2.94
CA ALA B 506 25.27 15.42 2.05
C ALA B 506 26.69 15.57 2.60
N ASN B 507 26.94 16.48 3.55
CA ASN B 507 28.28 16.68 4.09
C ASN B 507 28.57 15.91 5.38
N GLY B 508 27.55 15.37 6.03
CA GLY B 508 27.78 14.61 7.23
C GLY B 508 26.61 14.71 8.18
N PRO B 509 26.85 14.44 9.46
CA PRO B 509 25.76 14.52 10.44
C PRO B 509 25.32 15.94 10.67
N THR B 510 24.07 16.08 11.12
CA THR B 510 23.48 17.36 11.46
C THR B 510 22.69 17.20 12.74
N LEU B 511 22.31 18.34 13.31
CA LEU B 511 21.42 18.38 14.45
C LEU B 511 20.05 17.77 14.15
N GLY B 512 19.51 17.07 15.15
CA GLY B 512 18.20 16.46 15.10
C GLY B 512 17.10 17.50 15.12
N ILE B 513 15.87 17.00 15.16
CA ILE B 513 14.68 17.86 15.22
C ILE B 513 14.00 17.76 16.59
N VAL B 528 23.41 16.06 17.41
CA VAL B 528 24.20 15.99 16.18
C VAL B 528 24.31 14.54 15.73
N GLY B 529 23.58 14.18 14.69
CA GLY B 529 23.61 12.80 14.22
C GLY B 529 23.04 12.60 12.84
N PHE B 530 22.64 11.36 12.60
CA PHE B 530 22.02 10.87 11.36
C PHE B 530 20.79 10.04 11.67
N ASP B 531 19.82 10.12 10.78
CA ASP B 531 18.75 9.14 10.71
C ASP B 531 18.99 8.32 9.45
N CYS B 532 18.24 7.22 9.31
CA CYS B 532 18.62 6.19 8.35
C CYS B 532 18.75 6.78 6.95
N SER B 533 17.72 7.50 6.49
CA SER B 533 17.72 8.05 5.15
C SER B 533 18.68 9.23 5.01
N GLY B 534 19.07 9.86 6.11
CA GLY B 534 20.09 10.88 6.04
C GLY B 534 21.46 10.30 5.69
N LEU B 535 21.77 9.13 6.25
CA LEU B 535 23.05 8.48 5.97
C LEU B 535 23.18 8.06 4.50
N THR B 536 22.13 7.46 3.95
CA THR B 536 22.21 7.02 2.56
C THR B 536 22.37 8.21 1.62
N LEU B 537 21.69 9.31 1.90
CA LEU B 537 21.87 10.52 1.11
C LEU B 537 23.33 10.96 1.13
N TYR B 538 23.96 10.94 2.31
CA TYR B 538 25.35 11.35 2.43
C TYR B 538 26.28 10.46 1.61
N ALA B 539 26.14 9.14 1.75
CA ALA B 539 27.07 8.25 1.04
C ALA B 539 26.95 8.41 -0.47
N PHE B 540 25.73 8.35 -0.99
CA PHE B 540 25.53 8.41 -2.44
C PHE B 540 25.74 9.82 -2.99
N ALA B 541 25.65 10.85 -2.14
CA ALA B 541 25.98 12.21 -2.56
C ALA B 541 27.43 12.35 -3.01
N GLY B 542 28.30 11.45 -2.54
CA GLY B 542 29.69 11.42 -2.96
C GLY B 542 29.89 11.23 -4.45
N VAL B 543 28.92 10.66 -5.14
CA VAL B 543 28.97 10.50 -6.58
C VAL B 543 27.89 11.32 -7.25
N GLY B 544 27.49 12.43 -6.60
CA GLY B 544 26.51 13.31 -7.21
C GLY B 544 25.10 12.78 -7.32
N ILE B 545 24.74 11.79 -6.50
CA ILE B 545 23.41 11.20 -6.51
C ILE B 545 22.60 11.90 -5.42
N SER B 546 21.70 12.78 -5.85
CA SER B 546 20.89 13.56 -4.93
C SER B 546 19.69 12.73 -4.51
N LEU B 547 19.62 12.42 -3.23
CA LEU B 547 18.50 11.61 -2.80
C LEU B 547 17.55 12.40 -1.91
N PRO B 548 16.27 12.13 -1.99
CA PRO B 548 15.32 12.75 -1.06
C PRO B 548 15.49 12.16 0.33
N HIS B 549 15.11 12.95 1.32
CA HIS B 549 15.27 12.54 2.71
C HIS B 549 14.03 11.77 3.16
N TYR B 550 13.70 10.73 2.41
CA TYR B 550 12.60 9.80 2.72
C TYR B 550 12.75 8.49 1.99
N THR B 551 12.72 7.38 2.75
CA THR B 551 12.88 6.05 2.19
C THR B 551 11.89 5.80 1.06
N GLY B 552 10.63 6.15 1.29
CA GLY B 552 9.61 5.92 0.27
C GLY B 552 9.90 6.60 -1.04
N TYR B 553 10.53 7.77 -1.00
CA TYR B 553 10.88 8.44 -2.25
C TYR B 553 12.19 7.90 -2.79
N GLN B 554 13.13 7.56 -1.90
CA GLN B 554 14.37 6.92 -2.34
C GLN B 554 14.07 5.60 -3.05
N TYR B 555 13.00 4.91 -2.62
CA TYR B 555 12.57 3.66 -3.23
C TYR B 555 12.19 3.82 -4.70
N GLN B 556 11.90 5.04 -5.14
CA GLN B 556 11.52 5.30 -6.53
C GLN B 556 12.71 5.55 -7.44
N HIS B 557 13.92 5.67 -6.90
CA HIS B 557 15.08 5.91 -7.74
C HIS B 557 15.70 4.59 -8.17
N GLY B 558 16.57 4.66 -9.18
CA GLY B 558 17.31 3.51 -9.63
C GLY B 558 16.46 2.39 -10.21
N THR B 559 17.04 1.19 -10.15
CA THR B 559 16.44 -0.03 -10.68
C THR B 559 16.13 -0.98 -9.54
N LYS B 560 14.91 -1.54 -9.52
CA LYS B 560 14.56 -2.50 -8.49
C LYS B 560 15.07 -3.88 -8.83
N VAL B 561 15.48 -4.61 -7.80
CA VAL B 561 16.02 -5.95 -7.93
C VAL B 561 15.39 -6.83 -6.86
N SER B 562 15.20 -8.11 -7.18
CA SER B 562 14.67 -9.05 -6.21
C SER B 562 15.64 -9.15 -5.03
N PRO B 563 15.13 -9.21 -3.79
CA PRO B 563 16.05 -9.29 -2.64
C PRO B 563 17.03 -10.45 -2.70
N SER B 564 16.65 -11.57 -3.31
CA SER B 564 17.55 -12.71 -3.44
C SER B 564 18.75 -12.43 -4.35
N GLU B 565 18.69 -11.39 -5.20
CA GLU B 565 19.77 -11.03 -6.10
C GLU B 565 20.53 -9.77 -5.67
N MET B 566 20.40 -9.34 -4.42
CA MET B 566 21.08 -8.13 -3.96
C MET B 566 22.59 -8.25 -4.11
N GLN B 567 23.25 -7.12 -4.34
CA GLN B 567 24.71 -7.08 -4.44
C GLN B 567 25.23 -5.74 -3.93
N ARG B 568 26.53 -5.74 -3.60
CA ARG B 568 27.23 -4.58 -3.04
C ARG B 568 26.81 -3.27 -3.68
N GLY B 569 26.39 -2.31 -2.86
CA GLY B 569 25.93 -1.02 -3.32
C GLY B 569 24.43 -0.84 -3.32
N ASP B 570 23.65 -1.91 -3.30
CA ASP B 570 22.21 -1.80 -3.30
C ASP B 570 21.68 -1.25 -1.98
N LEU B 571 20.51 -0.61 -2.07
CA LEU B 571 19.77 -0.10 -0.91
C LEU B 571 18.73 -1.14 -0.51
N ILE B 572 18.72 -1.49 0.77
CA ILE B 572 17.73 -2.41 1.32
C ILE B 572 16.65 -1.59 2.01
N PHE B 573 15.40 -1.85 1.67
CA PHE B 573 14.25 -1.17 2.24
C PHE B 573 13.40 -2.16 3.03
N TYR B 574 12.65 -1.64 3.99
CA TYR B 574 11.78 -2.45 4.83
C TYR B 574 10.38 -1.85 4.92
N GLY B 575 9.40 -2.71 5.15
CA GLY B 575 8.04 -2.26 5.31
C GLY B 575 7.27 -2.20 4.01
N PRO B 576 5.95 -2.17 4.10
CA PRO B 576 5.12 -2.11 2.89
C PRO B 576 5.45 -0.84 2.11
N GLY B 577 5.77 -0.99 0.84
CA GLY B 577 6.22 0.11 0.02
C GLY B 577 7.39 0.90 0.55
N ALA B 578 8.32 0.23 1.25
CA ALA B 578 9.54 0.84 1.80
C ALA B 578 9.25 1.93 2.82
N SER B 579 8.18 1.77 3.59
CA SER B 579 7.77 2.78 4.55
C SER B 579 8.54 2.77 5.87
N GLN B 580 9.32 1.73 6.18
CA GLN B 580 9.89 1.66 7.53
C GLN B 580 11.38 1.92 7.66
N HIS B 581 12.26 1.40 6.79
CA HIS B 581 13.69 1.56 7.08
C HIS B 581 14.49 1.36 5.79
N VAL B 582 15.72 1.90 5.78
CA VAL B 582 16.63 1.72 4.65
C VAL B 582 18.07 1.57 5.13
N ALA B 583 18.83 0.75 4.39
CA ALA B 583 20.25 0.51 4.64
C ALA B 583 20.94 0.25 3.31
N ILE B 584 22.27 0.37 3.30
CA ILE B 584 23.07 0.08 2.11
C ILE B 584 23.73 -1.29 2.28
N TYR B 585 23.51 -2.19 1.32
CA TYR B 585 24.18 -3.49 1.37
C TYR B 585 25.65 -3.30 1.07
N LEU B 586 26.52 -3.88 1.90
CA LEU B 586 27.95 -3.75 1.70
C LEU B 586 28.59 -4.95 1.01
N GLY B 587 27.84 -6.02 0.79
CA GLY B 587 28.44 -7.23 0.27
C GLY B 587 28.96 -8.12 1.38
N ASP B 588 29.20 -9.38 1.03
CA ASP B 588 29.69 -10.38 1.98
C ASP B 588 28.76 -10.45 3.19
N GLY B 589 27.46 -10.34 2.91
CA GLY B 589 26.38 -10.47 3.88
C GLY B 589 26.30 -9.44 4.99
N GLN B 590 26.94 -8.29 4.85
CA GLN B 590 26.84 -7.22 5.83
C GLN B 590 26.34 -5.93 5.19
N MET B 591 25.70 -5.09 6.00
CA MET B 591 25.22 -3.80 5.52
C MET B 591 25.49 -2.76 6.60
N ILE B 592 25.57 -1.51 6.18
CA ILE B 592 25.78 -0.37 7.08
C ILE B 592 24.47 0.39 7.23
N GLU B 593 24.15 0.80 8.46
CA GLU B 593 22.87 1.43 8.70
C GLU B 593 22.91 2.27 9.97
N ALA B 594 21.91 3.14 10.10
CA ALA B 594 21.61 3.91 11.30
C ALA B 594 20.24 3.40 11.73
N PRO B 595 20.16 2.38 12.58
CA PRO B 595 18.92 1.61 12.73
C PRO B 595 17.85 2.25 13.60
N ASN B 596 18.20 2.74 14.78
CA ASN B 596 17.20 3.24 15.71
C ASN B 596 17.89 4.13 16.74
N SER B 597 17.07 4.86 17.49
CA SER B 597 17.58 5.77 18.51
C SER B 597 18.42 5.02 19.53
N GLY B 598 19.54 5.63 19.92
CA GLY B 598 20.49 5.06 20.83
C GLY B 598 21.56 4.19 20.18
N SER B 599 21.47 3.95 18.89
CA SER B 599 22.46 3.15 18.18
C SER B 599 23.21 4.04 17.22
N VAL B 600 24.53 3.88 17.17
CA VAL B 600 25.34 4.69 16.27
C VAL B 600 25.26 4.08 14.87
N VAL B 601 25.76 4.81 13.87
CA VAL B 601 25.87 4.23 12.54
C VAL B 601 26.79 3.02 12.61
N LYS B 602 26.31 1.88 12.15
CA LYS B 602 27.06 0.64 12.36
C LYS B 602 26.82 -0.29 11.19
N ILE B 603 27.71 -1.27 11.06
CA ILE B 603 27.56 -2.34 10.10
C ILE B 603 26.95 -3.53 10.81
N SER B 604 25.88 -4.08 10.25
CA SER B 604 25.20 -5.22 10.83
C SER B 604 24.85 -6.20 9.71
N PRO B 605 24.72 -7.48 10.04
CA PRO B 605 24.21 -8.44 9.06
C PRO B 605 22.79 -8.07 8.63
N VAL B 606 22.48 -8.43 7.39
CA VAL B 606 21.17 -8.16 6.79
C VAL B 606 20.05 -8.80 7.60
N ARG B 607 18.98 -8.02 7.83
CA ARG B 607 17.79 -8.46 8.54
C ARG B 607 16.74 -8.82 7.51
N TRP B 608 16.06 -9.93 7.76
CA TRP B 608 15.08 -10.52 6.88
C TRP B 608 13.62 -10.24 7.22
N SER B 609 13.27 -9.95 8.46
CA SER B 609 11.88 -9.58 8.74
C SER B 609 11.51 -8.24 8.13
N GLY B 610 10.31 -8.17 7.57
CA GLY B 610 9.80 -6.90 7.06
C GLY B 610 10.44 -6.35 5.81
N MET B 611 11.35 -7.07 5.16
CA MET B 611 11.99 -6.53 3.97
C MET B 611 10.97 -6.35 2.85
N THR B 612 11.18 -5.31 2.04
CA THR B 612 10.34 -5.08 0.87
C THR B 612 10.56 -6.15 -0.19
N GLU B 613 9.68 -6.13 -1.19
CA GLU B 613 9.73 -7.08 -2.29
C GLU B 613 10.92 -6.84 -3.21
N SER B 614 11.44 -5.61 -3.27
CA SER B 614 12.58 -5.31 -4.14
C SER B 614 13.63 -4.49 -3.37
N VAL B 615 14.87 -4.56 -3.85
CA VAL B 615 15.93 -3.64 -3.46
C VAL B 615 16.10 -2.59 -4.55
N VAL B 616 16.80 -1.49 -4.21
CA VAL B 616 17.05 -0.39 -5.13
C VAL B 616 18.55 -0.24 -5.38
N ARG B 617 18.93 -0.20 -6.66
CA ARG B 617 20.32 -0.02 -7.10
C ARG B 617 20.46 1.40 -7.66
N LEU B 618 21.28 2.22 -7.02
CA LEU B 618 21.44 3.60 -7.49
C LEU B 618 22.59 3.79 -8.47
N ILE B 619 23.58 2.90 -8.48
CA ILE B 619 24.70 3.05 -9.39
C ILE B 619 24.72 1.91 -10.39
#